data_4AOD
#
_entry.id   4AOD
#
_cell.length_a   1.000
_cell.length_b   1.000
_cell.length_c   1.000
_cell.angle_alpha   90.00
_cell.angle_beta   90.00
_cell.angle_gamma   90.00
#
_symmetry.space_group_name_H-M   'P 1'
#
_entity_poly.entity_id   1
_entity_poly.type   'polypeptide(L)'
_entity_poly.pdbx_seq_one_letter_code
;SRRSRSEILQDVLSRCSPLNIPIEDDQPVKVSFEYSLQKIFRADVENDEVDIGLWTTLVWKDRCLNWFNEFTSFKELTVP
IAEIWTPDIFIFDSVGAPEIFSDKLARVSQDGTVTYVPQLKVRLSCPLADLKLETGVTCSLKSGSWTHSTQELTLEVNAK
VDLGDYASDTRFQLLNATQQVNRKQYPCCPETYEDTTLSFTFRKP
;
_entity_poly.pdbx_strand_id   A,B,C,D,E
#
# COMPACT_ATOMS: atom_id res chain seq x y z
N SER A 1 -24.40 -8.34 -22.34
CA SER A 1 -23.49 -9.28 -23.04
C SER A 1 -24.27 -10.46 -23.51
N ARG A 2 -23.60 -11.62 -23.60
CA ARG A 2 -24.28 -12.81 -24.00
C ARG A 2 -24.76 -13.47 -22.75
N ARG A 3 -26.04 -13.88 -22.74
CA ARG A 3 -26.63 -14.50 -21.58
C ARG A 3 -26.00 -15.83 -21.36
N SER A 4 -25.67 -16.55 -22.45
CA SER A 4 -25.11 -17.87 -22.35
C SER A 4 -23.79 -17.80 -21.63
N ARG A 5 -22.96 -16.80 -21.96
CA ARG A 5 -21.68 -16.60 -21.33
C ARG A 5 -21.91 -16.24 -19.90
N SER A 6 -22.97 -15.46 -19.65
CA SER A 6 -23.26 -14.95 -18.34
C SER A 6 -23.45 -16.08 -17.39
N GLU A 7 -24.21 -17.12 -17.79
CA GLU A 7 -24.49 -18.20 -16.90
C GLU A 7 -23.22 -18.90 -16.56
N ILE A 8 -22.29 -19.00 -17.53
CA ILE A 8 -21.07 -19.75 -17.36
C ILE A 8 -20.25 -19.19 -16.23
N LEU A 9 -19.99 -17.87 -16.26
CA LEU A 9 -19.13 -17.32 -15.25
C LEU A 9 -19.75 -17.49 -13.89
N GLN A 10 -21.05 -17.20 -13.77
CA GLN A 10 -21.70 -17.23 -12.50
C GLN A 10 -21.69 -18.63 -11.97
N ASP A 11 -21.93 -19.64 -12.84
CA ASP A 11 -21.98 -20.98 -12.32
C ASP A 11 -20.65 -21.38 -11.78
N VAL A 12 -19.54 -21.07 -12.48
CA VAL A 12 -18.23 -21.45 -12.04
C VAL A 12 -17.83 -20.68 -10.82
N LEU A 13 -18.08 -19.36 -10.82
CA LEU A 13 -17.72 -18.47 -9.75
C LEU A 13 -18.58 -18.60 -8.52
N SER A 14 -19.91 -18.68 -8.69
CA SER A 14 -20.84 -18.67 -7.60
C SER A 14 -21.03 -19.99 -6.89
N ARG A 15 -21.08 -21.10 -7.72
CA ARG A 15 -21.33 -22.48 -7.36
C ARG A 15 -20.09 -23.35 -7.43
N CYS A 16 -19.42 -23.46 -8.61
CA CYS A 16 -18.38 -24.46 -8.82
C CYS A 16 -17.15 -24.35 -7.96
N SER A 17 -16.27 -23.40 -6.30
CA SER A 17 -15.06 -23.66 -5.54
C SER A 17 -14.47 -22.44 -4.89
N PRO A 18 -14.14 -22.60 -3.62
CA PRO A 18 -13.36 -21.67 -2.88
C PRO A 18 -11.94 -22.17 -2.99
N LEU A 19 -10.97 -21.37 -2.47
CA LEU A 19 -9.58 -21.72 -2.49
C LEU A 19 -9.42 -23.03 -1.78
N ASN A 20 -9.23 -24.10 -2.58
CA ASN A 20 -9.00 -25.43 -2.11
C ASN A 20 -8.61 -26.18 -3.35
N ILE A 21 -7.63 -27.10 -3.31
CA ILE A 21 -7.29 -27.79 -4.53
C ILE A 21 -8.36 -28.84 -4.77
N PRO A 22 -9.10 -28.69 -5.85
CA PRO A 22 -10.26 -29.47 -6.18
C PRO A 22 -9.98 -30.90 -6.50
N ILE A 23 -8.69 -31.26 -6.76
CA ILE A 23 -8.32 -32.58 -7.17
C ILE A 23 -7.96 -33.48 -6.02
N GLU A 24 -8.89 -34.44 -5.78
CA GLU A 24 -8.90 -35.49 -4.79
C GLU A 24 -8.02 -36.66 -5.15
N ASP A 25 -7.84 -36.96 -6.46
CA ASP A 25 -7.23 -38.19 -6.89
C ASP A 25 -5.75 -37.90 -7.02
N ASP A 26 -5.05 -38.88 -7.65
CA ASP A 26 -3.62 -38.93 -7.71
C ASP A 26 -3.08 -37.93 -8.69
N GLN A 27 -3.13 -36.63 -8.33
CA GLN A 27 -2.51 -35.66 -9.20
C GLN A 27 -1.94 -34.52 -8.40
N PRO A 28 -0.69 -34.21 -8.71
CA PRO A 28 -0.06 -32.99 -8.28
C PRO A 28 -0.49 -31.98 -9.29
N VAL A 29 -0.40 -30.67 -9.03
CA VAL A 29 -0.74 -29.79 -10.12
C VAL A 29 0.55 -29.35 -10.78
N LYS A 30 0.63 -29.49 -12.11
CA LYS A 30 1.76 -29.04 -12.87
C LYS A 30 1.44 -27.65 -13.34
N VAL A 31 2.43 -26.74 -13.29
CA VAL A 31 2.19 -25.43 -13.81
C VAL A 31 3.29 -25.17 -14.79
N SER A 32 2.93 -24.88 -16.06
CA SER A 32 3.93 -24.60 -17.04
C SER A 32 4.35 -23.18 -16.86
N PHE A 33 5.67 -22.91 -17.01
CA PHE A 33 6.16 -21.60 -16.77
C PHE A 33 7.01 -21.22 -17.92
N GLU A 34 6.82 -19.98 -18.43
CA GLU A 34 7.65 -19.52 -19.51
C GLU A 34 7.88 -18.07 -19.27
N TYR A 35 9.01 -17.54 -19.76
CA TYR A 35 9.35 -16.16 -19.52
C TYR A 35 9.46 -15.47 -20.84
N SER A 36 8.84 -14.29 -20.98
CA SER A 36 9.06 -13.51 -22.15
C SER A 36 9.79 -12.29 -21.67
N LEU A 37 11.12 -12.26 -21.87
CA LEU A 37 11.91 -11.16 -21.40
C LEU A 37 11.69 -10.01 -22.31
N GLN A 38 10.97 -8.98 -21.81
CA GLN A 38 10.69 -7.78 -22.55
C GLN A 38 11.84 -6.84 -22.61
N LYS A 39 12.51 -6.57 -21.46
CA LYS A 39 13.56 -5.59 -21.51
C LYS A 39 14.36 -5.65 -20.25
N ILE A 40 15.65 -5.27 -20.34
CA ILE A 40 16.42 -5.12 -19.14
C ILE A 40 16.51 -3.63 -18.99
N PHE A 41 15.63 -3.08 -18.13
CA PHE A 41 15.51 -1.66 -17.97
C PHE A 41 16.71 -1.03 -17.35
N ARG A 42 17.19 -1.54 -16.19
CA ARG A 42 18.27 -0.77 -15.64
C ARG A 42 19.20 -1.63 -14.86
N ALA A 43 20.42 -1.10 -14.64
CA ALA A 43 21.43 -1.77 -13.86
C ALA A 43 21.91 -0.79 -12.84
N ASP A 44 22.14 -1.26 -11.58
CA ASP A 44 22.62 -0.39 -10.55
C ASP A 44 23.88 -0.99 -10.01
N VAL A 45 25.02 -0.32 -10.31
CA VAL A 45 26.33 -0.75 -9.92
C VAL A 45 26.55 -0.67 -8.43
N GLU A 46 26.05 0.38 -7.76
CA GLU A 46 26.32 0.48 -6.35
C GLU A 46 25.54 -0.56 -5.60
N ASN A 47 24.25 -0.72 -5.98
CA ASN A 47 23.29 -1.61 -5.39
C ASN A 47 23.50 -3.03 -5.81
N ASP A 48 24.02 -3.25 -7.04
CA ASP A 48 24.13 -4.58 -7.59
C ASP A 48 22.77 -5.17 -7.77
N GLU A 49 21.82 -4.38 -8.30
CA GLU A 49 20.49 -4.82 -8.57
C GLU A 49 20.23 -4.58 -10.03
N VAL A 50 19.41 -5.45 -10.66
CA VAL A 50 19.14 -5.29 -12.05
C VAL A 50 17.65 -5.34 -12.22
N ASP A 51 17.09 -4.60 -13.21
CA ASP A 51 15.66 -4.57 -13.38
C ASP A 51 15.27 -5.26 -14.65
N ILE A 52 14.26 -6.13 -14.57
CA ILE A 52 13.79 -6.84 -15.74
C ILE A 52 12.34 -6.51 -15.90
N GLY A 53 11.93 -6.28 -17.16
CA GLY A 53 10.54 -6.16 -17.48
C GLY A 53 10.32 -7.41 -18.26
N LEU A 54 9.39 -8.26 -17.72
CA LEU A 54 9.08 -9.64 -18.08
C LEU A 54 7.60 -9.86 -18.10
N TRP A 55 7.10 -10.79 -18.91
CA TRP A 55 5.79 -11.22 -18.51
C TRP A 55 5.89 -12.71 -18.32
N THR A 56 5.09 -13.25 -17.38
CA THR A 56 5.25 -14.66 -17.08
C THR A 56 4.05 -15.41 -17.57
N THR A 57 4.30 -16.48 -18.35
CA THR A 57 3.20 -17.25 -18.85
C THR A 57 3.00 -18.35 -17.89
N LEU A 58 1.77 -18.46 -17.34
CA LEU A 58 1.52 -19.49 -16.39
C LEU A 58 0.34 -20.28 -16.86
N VAL A 59 0.45 -21.63 -16.89
CA VAL A 59 -0.68 -22.39 -17.31
C VAL A 59 -0.90 -23.50 -16.32
N TRP A 60 -2.18 -23.79 -16.00
CA TRP A 60 -2.49 -24.87 -15.12
C TRP A 60 -3.87 -25.37 -15.41
N LYS A 61 -4.18 -26.60 -14.95
CA LYS A 61 -5.51 -27.08 -15.11
C LYS A 61 -6.14 -27.22 -13.75
N ASP A 62 -7.37 -26.68 -13.61
CA ASP A 62 -8.14 -26.80 -12.40
C ASP A 62 -9.28 -27.70 -12.77
N ARG A 63 -9.87 -28.41 -11.79
CA ARG A 63 -11.00 -29.30 -11.99
C ARG A 63 -12.25 -28.46 -11.88
N CYS A 64 -13.11 -28.44 -12.91
CA CYS A 64 -14.29 -27.63 -12.76
C CYS A 64 -15.42 -28.56 -12.97
N LEU A 65 -16.63 -28.21 -12.50
CA LEU A 65 -17.72 -29.13 -12.72
C LEU A 65 -18.64 -28.60 -13.77
N ASN A 66 -19.14 -29.50 -14.62
CA ASN A 66 -20.08 -29.15 -15.64
C ASN A 66 -21.42 -29.35 -15.03
N TRP A 67 -22.33 -28.38 -15.19
CA TRP A 67 -23.50 -28.57 -14.39
C TRP A 67 -24.58 -28.61 -15.40
N PHE A 68 -25.04 -27.39 -15.72
CA PHE A 68 -26.01 -27.16 -16.76
C PHE A 68 -25.29 -27.71 -17.96
N ASN A 69 -26.00 -28.49 -18.81
CA ASN A 69 -25.32 -29.18 -19.87
C ASN A 69 -24.70 -28.21 -20.82
N GLU A 70 -23.40 -28.42 -21.10
CA GLU A 70 -22.68 -27.53 -21.97
C GLU A 70 -23.27 -27.58 -23.35
N PHE A 71 -23.81 -26.43 -23.81
CA PHE A 71 -24.21 -26.34 -25.20
C PHE A 71 -23.12 -25.56 -25.89
N THR A 72 -23.18 -25.41 -27.23
CA THR A 72 -22.16 -24.62 -27.88
C THR A 72 -22.29 -23.22 -27.37
N SER A 73 -21.28 -22.82 -26.58
CA SER A 73 -21.42 -21.56 -25.94
C SER A 73 -20.05 -21.00 -25.81
N PHE A 74 -19.93 -19.99 -24.93
CA PHE A 74 -18.71 -19.25 -24.76
C PHE A 74 -17.72 -20.17 -24.09
N LYS A 75 -16.65 -20.52 -24.86
CA LYS A 75 -15.59 -21.46 -24.55
C LYS A 75 -14.57 -20.99 -23.53
N GLU A 76 -14.15 -19.72 -23.65
CA GLU A 76 -13.23 -19.19 -22.69
C GLU A 76 -13.88 -17.99 -22.12
N LEU A 77 -13.78 -17.79 -20.79
CA LEU A 77 -14.15 -16.49 -20.34
C LEU A 77 -13.01 -15.87 -19.60
N THR A 78 -13.11 -14.63 -19.56
CA THR A 78 -12.05 -13.95 -18.86
C THR A 78 -12.55 -13.48 -17.54
N VAL A 79 -11.65 -13.49 -16.51
CA VAL A 79 -12.04 -13.07 -15.20
C VAL A 79 -10.86 -12.54 -14.48
N PRO A 80 -11.11 -11.75 -13.47
CA PRO A 80 -10.03 -11.22 -12.69
C PRO A 80 -9.35 -12.33 -11.96
N ILE A 81 -8.03 -12.21 -11.77
CA ILE A 81 -7.20 -13.21 -11.16
C ILE A 81 -7.63 -13.43 -9.76
N ALA A 82 -8.18 -12.39 -9.11
CA ALA A 82 -8.59 -12.46 -7.74
C ALA A 82 -9.63 -13.54 -7.58
N GLU A 83 -10.48 -13.73 -8.61
CA GLU A 83 -11.59 -14.64 -8.55
C GLU A 83 -11.14 -16.06 -8.35
N ILE A 84 -9.98 -16.46 -8.92
CA ILE A 84 -9.54 -17.84 -8.86
C ILE A 84 -8.17 -17.95 -8.24
N TRP A 85 -7.84 -19.18 -7.79
CA TRP A 85 -6.59 -19.51 -7.18
C TRP A 85 -5.49 -19.39 -8.19
N THR A 86 -4.34 -18.80 -7.78
CA THR A 86 -3.22 -18.67 -8.65
C THR A 86 -2.03 -19.22 -7.91
N PRO A 87 -1.04 -19.69 -8.62
CA PRO A 87 0.15 -20.24 -7.99
C PRO A 87 1.01 -19.17 -7.37
N ASP A 88 1.78 -19.57 -6.34
CA ASP A 88 2.68 -18.80 -5.52
C ASP A 88 4.01 -18.53 -6.14
N ILE A 89 4.22 -18.77 -7.45
CA ILE A 89 5.53 -18.55 -8.02
C ILE A 89 6.13 -17.23 -7.66
N PHE A 90 7.35 -17.27 -7.09
CA PHE A 90 8.05 -16.09 -6.67
C PHE A 90 9.49 -16.16 -7.07
N ILE A 91 10.09 -14.97 -7.24
CA ILE A 91 11.49 -14.85 -7.55
C ILE A 91 12.18 -15.02 -6.24
N PHE A 92 13.19 -15.91 -6.18
CA PHE A 92 13.85 -16.17 -4.95
C PHE A 92 14.63 -14.99 -4.47
N ASP A 93 15.31 -14.25 -5.37
CA ASP A 93 16.12 -13.17 -4.87
C ASP A 93 15.67 -11.84 -5.36
N SER A 94 14.41 -11.46 -5.13
CA SER A 94 14.02 -10.15 -5.54
C SER A 94 14.49 -9.21 -4.46
N VAL A 95 15.01 -8.04 -4.86
CA VAL A 95 15.40 -7.03 -3.93
C VAL A 95 14.18 -6.34 -3.43
N GLY A 96 13.17 -6.15 -4.31
CA GLY A 96 12.01 -5.43 -3.90
C GLY A 96 10.78 -6.14 -4.35
N ALA A 97 9.62 -5.69 -3.85
CA ALA A 97 8.39 -6.30 -4.23
C ALA A 97 8.23 -6.02 -5.69
N PRO A 98 7.84 -7.03 -6.41
CA PRO A 98 7.67 -6.85 -7.82
C PRO A 98 6.47 -6.03 -8.06
N GLU A 99 6.47 -5.23 -9.15
CA GLU A 99 5.30 -4.44 -9.41
C GLU A 99 4.62 -5.02 -10.61
N ILE A 100 3.29 -4.79 -10.73
CA ILE A 100 2.53 -5.39 -11.78
C ILE A 100 2.20 -4.38 -12.84
N PHE A 101 2.67 -4.65 -14.07
CA PHE A 101 2.42 -3.85 -15.24
C PHE A 101 1.04 -4.02 -15.80
N SER A 102 0.49 -5.25 -15.81
CA SER A 102 -0.74 -5.48 -16.53
C SER A 102 -1.89 -5.77 -15.61
N ASP A 103 -3.11 -5.77 -16.20
CA ASP A 103 -4.31 -6.02 -15.46
C ASP A 103 -4.28 -7.45 -15.03
N LYS A 104 -4.90 -7.75 -13.87
CA LYS A 104 -4.88 -9.12 -13.44
C LYS A 104 -6.09 -9.81 -13.99
N LEU A 105 -5.95 -10.37 -15.20
CA LEU A 105 -7.04 -11.04 -15.86
C LEU A 105 -6.54 -12.38 -16.32
N ALA A 106 -7.38 -13.44 -16.20
CA ALA A 106 -6.95 -14.72 -16.67
C ALA A 106 -8.04 -15.34 -17.48
N ARG A 107 -7.66 -15.99 -18.60
CA ARG A 107 -8.61 -16.67 -19.44
C ARG A 107 -8.76 -18.06 -18.93
N VAL A 108 -10.00 -18.56 -18.84
CA VAL A 108 -10.25 -19.90 -18.37
C VAL A 108 -10.95 -20.64 -19.45
N SER A 109 -10.72 -21.96 -19.50
CA SER A 109 -11.30 -22.78 -20.53
C SER A 109 -12.13 -23.82 -19.86
N GLN A 110 -13.06 -24.41 -20.64
CA GLN A 110 -14.04 -25.37 -20.22
C GLN A 110 -13.36 -26.60 -19.68
N ASP A 111 -12.25 -27.01 -20.29
CA ASP A 111 -11.55 -28.18 -19.83
C ASP A 111 -11.01 -27.92 -18.46
N GLY A 112 -10.98 -26.64 -18.04
CA GLY A 112 -10.51 -26.32 -16.72
C GLY A 112 -9.21 -25.60 -16.84
N THR A 113 -8.63 -25.57 -18.06
CA THR A 113 -7.33 -24.99 -18.27
C THR A 113 -7.39 -23.50 -18.05
N VAL A 114 -6.34 -22.94 -17.41
CA VAL A 114 -6.32 -21.52 -17.17
C VAL A 114 -5.01 -20.96 -17.67
N THR A 115 -5.08 -19.76 -18.29
CA THR A 115 -3.88 -19.11 -18.73
C THR A 115 -3.83 -17.74 -18.12
N TYR A 116 -2.77 -17.46 -17.34
CA TYR A 116 -2.63 -16.19 -16.69
C TYR A 116 -1.28 -15.65 -17.03
N VAL A 117 -1.21 -14.39 -17.51
CA VAL A 117 0.07 -13.83 -17.85
C VAL A 117 0.20 -12.45 -17.26
N PRO A 118 0.93 -12.36 -16.19
CA PRO A 118 1.18 -11.07 -15.60
C PRO A 118 2.35 -10.41 -16.26
N GLN A 119 2.40 -9.06 -16.25
CA GLN A 119 3.58 -8.38 -16.73
C GLN A 119 4.19 -7.81 -15.50
N LEU A 120 5.54 -7.88 -15.37
CA LEU A 120 6.09 -7.48 -14.12
C LEU A 120 7.42 -6.82 -14.33
N LYS A 121 7.79 -5.95 -13.36
CA LYS A 121 9.09 -5.38 -13.32
C LYS A 121 9.68 -5.94 -12.07
N VAL A 122 10.89 -6.55 -12.15
CA VAL A 122 11.42 -7.13 -10.96
C VAL A 122 12.81 -6.65 -10.75
N ARG A 123 13.17 -6.43 -9.47
CA ARG A 123 14.52 -6.05 -9.16
C ARG A 123 15.12 -7.26 -8.50
N LEU A 124 16.28 -7.73 -9.02
CA LEU A 124 16.89 -8.89 -8.46
C LEU A 124 18.34 -8.62 -8.22
N SER A 125 18.97 -9.42 -7.33
CA SER A 125 20.36 -9.20 -7.06
C SER A 125 21.15 -9.69 -8.23
N CYS A 126 22.12 -8.88 -8.68
CA CYS A 126 23.00 -9.26 -9.73
C CYS A 126 24.07 -8.22 -9.94
N PRO A 127 25.31 -8.63 -9.96
CA PRO A 127 26.37 -7.70 -10.23
C PRO A 127 26.46 -7.36 -11.69
N LEU A 128 26.39 -6.06 -12.02
CA LEU A 128 26.45 -5.48 -13.34
C LEU A 128 27.85 -5.41 -13.86
N ALA A 129 28.87 -5.51 -12.98
CA ALA A 129 30.23 -5.27 -13.36
C ALA A 129 30.59 -6.02 -14.61
N ASP A 130 31.37 -5.35 -15.48
CA ASP A 130 31.86 -5.83 -16.75
C ASP A 130 30.76 -5.96 -17.77
N LEU A 131 29.69 -5.17 -17.62
CA LEU A 131 28.60 -5.14 -18.56
C LEU A 131 29.11 -4.62 -19.88
N LYS A 132 30.04 -3.66 -19.84
CA LYS A 132 30.61 -3.05 -21.02
C LYS A 132 31.50 -3.98 -21.80
N LEU A 133 32.18 -4.93 -21.12
CA LEU A 133 33.10 -5.80 -21.81
C LEU A 133 32.36 -6.67 -22.78
N GLU A 134 33.11 -7.22 -23.74
CA GLU A 134 32.58 -8.07 -24.77
C GLU A 134 32.01 -9.29 -24.13
N THR A 135 32.67 -9.80 -23.08
CA THR A 135 32.21 -10.99 -22.42
C THR A 135 30.83 -10.76 -21.89
N GLY A 136 30.58 -9.57 -21.31
CA GLY A 136 29.28 -9.26 -20.80
C GLY A 136 29.19 -9.76 -19.39
N VAL A 137 27.95 -9.94 -18.88
CA VAL A 137 27.81 -10.36 -17.51
C VAL A 137 26.69 -11.36 -17.46
N THR A 138 26.68 -12.19 -16.39
CA THR A 138 25.64 -13.18 -16.24
C THR A 138 24.92 -12.97 -14.95
N CYS A 139 23.60 -13.22 -14.96
CA CYS A 139 22.79 -13.09 -13.80
C CYS A 139 21.88 -14.27 -13.78
N SER A 140 21.42 -14.67 -12.58
CA SER A 140 20.49 -15.75 -12.51
C SER A 140 19.51 -15.44 -11.43
N LEU A 141 18.23 -15.83 -11.65
CA LEU A 141 17.22 -15.68 -10.64
C LEU A 141 16.40 -16.93 -10.76
N LYS A 142 15.88 -17.45 -9.62
CA LYS A 142 15.15 -18.68 -9.72
C LYS A 142 13.72 -18.40 -9.39
N SER A 143 12.78 -18.97 -10.16
CA SER A 143 11.40 -18.76 -9.81
C SER A 143 10.86 -20.09 -9.45
N GLY A 144 9.89 -20.12 -8.52
CA GLY A 144 9.34 -21.39 -8.13
C GLY A 144 8.43 -21.14 -6.97
N SER A 145 7.56 -22.11 -6.68
CA SER A 145 6.60 -22.02 -5.61
C SER A 145 7.35 -21.84 -4.33
N TRP A 146 6.89 -20.91 -3.47
CA TRP A 146 7.59 -20.74 -2.24
C TRP A 146 7.35 -21.91 -1.33
N THR A 147 6.05 -22.19 -1.05
CA THR A 147 5.61 -23.22 -0.14
C THR A 147 5.58 -24.62 -0.70
N HIS A 148 5.10 -24.78 -1.96
CA HIS A 148 4.86 -26.09 -2.53
C HIS A 148 6.11 -26.85 -2.84
N SER A 149 6.10 -28.14 -2.46
CA SER A 149 7.17 -29.03 -2.80
C SER A 149 6.86 -29.58 -4.15
N THR A 150 7.80 -30.37 -4.70
CA THR A 150 7.64 -30.96 -6.00
C THR A 150 6.43 -31.83 -5.97
N GLN A 151 6.12 -32.44 -4.81
CA GLN A 151 4.96 -33.30 -4.78
C GLN A 151 3.71 -32.51 -5.01
N GLU A 152 3.55 -31.32 -4.38
CA GLU A 152 2.35 -30.55 -4.58
C GLU A 152 2.31 -29.87 -5.92
N LEU A 153 3.41 -29.18 -6.31
CA LEU A 153 3.39 -28.46 -7.55
C LEU A 153 4.55 -28.88 -8.37
N THR A 154 4.29 -29.20 -9.65
CA THR A 154 5.36 -29.57 -10.53
C THR A 154 5.49 -28.48 -11.53
N LEU A 155 6.72 -28.01 -11.80
CA LEU A 155 6.88 -26.93 -12.73
C LEU A 155 7.43 -27.49 -14.00
N GLU A 156 6.94 -26.97 -15.15
CA GLU A 156 7.39 -27.46 -16.43
C GLU A 156 7.67 -26.27 -17.32
N VAL A 157 8.58 -26.46 -18.31
CA VAL A 157 8.88 -25.42 -19.25
C VAL A 157 8.86 -26.00 -20.64
N ASN A 158 8.30 -25.24 -21.61
CA ASN A 158 8.29 -25.66 -22.99
C ASN A 158 9.63 -25.41 -23.63
N ALA A 159 10.25 -24.23 -23.36
CA ALA A 159 11.45 -23.85 -24.07
C ALA A 159 12.35 -23.05 -23.16
N LYS A 160 13.53 -22.63 -23.68
CA LYS A 160 14.56 -21.90 -22.96
C LYS A 160 14.21 -20.48 -22.50
N VAL A 161 13.98 -19.45 -23.38
CA VAL A 161 13.57 -18.08 -23.04
C VAL A 161 13.11 -17.39 -24.29
N ASP A 162 12.05 -16.53 -24.22
CA ASP A 162 11.47 -15.87 -25.38
C ASP A 162 12.05 -14.50 -25.56
N LEU A 163 12.98 -14.39 -26.52
CA LEU A 163 13.69 -13.22 -26.94
C LEU A 163 12.91 -12.37 -27.93
N GLY A 164 11.93 -12.96 -28.63
CA GLY A 164 11.32 -12.31 -29.77
C GLY A 164 10.72 -10.97 -29.43
N ASP A 165 10.06 -10.88 -28.27
CA ASP A 165 9.39 -9.70 -27.79
C ASP A 165 10.38 -8.67 -27.35
N TYR A 166 11.64 -9.06 -27.10
CA TYR A 166 12.65 -8.20 -26.54
C TYR A 166 12.72 -6.91 -27.31
N ALA A 167 12.77 -5.77 -26.58
CA ALA A 167 12.76 -4.48 -27.19
C ALA A 167 14.00 -4.31 -28.02
N SER A 168 13.79 -3.80 -29.25
CA SER A 168 14.85 -3.66 -30.22
C SER A 168 15.90 -2.73 -29.73
N ASP A 169 15.52 -1.53 -29.26
CA ASP A 169 16.57 -0.62 -28.86
C ASP A 169 16.63 -0.57 -27.38
N THR A 170 16.89 -1.73 -26.75
CA THR A 170 17.02 -1.74 -25.32
C THR A 170 18.41 -1.32 -25.02
N ARG A 171 18.62 -0.83 -23.79
CA ARG A 171 19.91 -0.38 -23.37
C ARG A 171 20.83 -1.55 -23.41
N PHE A 172 20.34 -2.77 -23.10
CA PHE A 172 21.27 -3.87 -23.05
C PHE A 172 20.87 -4.92 -24.04
N GLN A 173 21.87 -5.49 -24.73
CA GLN A 173 21.72 -6.55 -25.70
C GLN A 173 21.68 -7.85 -24.96
N LEU A 174 20.96 -8.84 -25.53
CA LEU A 174 20.79 -10.12 -24.91
C LEU A 174 21.71 -11.11 -25.52
N LEU A 175 22.71 -11.59 -24.74
CA LEU A 175 23.60 -12.63 -25.20
C LEU A 175 22.86 -13.94 -25.26
N ASN A 176 22.16 -14.30 -24.16
CA ASN A 176 21.43 -15.54 -24.16
C ASN A 176 20.51 -15.59 -22.97
N ALA A 177 19.25 -16.02 -23.20
CA ALA A 177 18.32 -16.12 -22.13
C ALA A 177 17.97 -17.56 -21.98
N THR A 178 18.09 -18.10 -20.76
CA THR A 178 17.85 -19.50 -20.58
C THR A 178 16.94 -19.70 -19.40
N GLN A 179 16.09 -20.75 -19.47
CA GLN A 179 15.23 -21.12 -18.38
C GLN A 179 15.43 -22.58 -18.16
N GLN A 180 16.29 -22.95 -17.20
CA GLN A 180 16.48 -24.35 -17.01
C GLN A 180 15.75 -24.74 -15.76
N VAL A 181 15.06 -25.89 -15.81
CA VAL A 181 14.31 -26.34 -14.68
C VAL A 181 15.22 -27.13 -13.81
N ASN A 182 15.11 -26.92 -12.48
CA ASN A 182 15.90 -27.70 -11.59
C ASN A 182 15.14 -27.96 -10.34
N ARG A 183 15.51 -29.03 -9.62
CA ARG A 183 14.89 -29.36 -8.38
C ARG A 183 15.96 -29.30 -7.36
N LYS A 184 15.66 -28.73 -6.17
CA LYS A 184 16.68 -28.72 -5.16
C LYS A 184 16.07 -28.85 -3.80
N GLN A 185 16.92 -28.93 -2.76
CA GLN A 185 16.39 -29.17 -1.45
C GLN A 185 16.76 -28.07 -0.50
N TYR A 186 16.00 -27.97 0.61
CA TYR A 186 16.23 -26.97 1.61
C TYR A 186 16.33 -27.68 2.93
N PRO A 187 16.97 -27.06 3.87
CA PRO A 187 17.15 -27.67 5.17
C PRO A 187 15.87 -27.86 5.92
N CYS A 188 14.83 -27.07 5.60
CA CYS A 188 13.59 -27.19 6.33
C CYS A 188 12.97 -28.51 6.06
N CYS A 189 13.09 -28.99 4.81
CA CYS A 189 12.21 -30.06 4.47
C CYS A 189 12.91 -31.09 3.63
N PRO A 190 12.51 -32.31 3.82
CA PRO A 190 13.02 -33.44 3.11
C PRO A 190 12.58 -33.51 1.68
N GLU A 191 11.52 -32.76 1.31
CA GLU A 191 10.95 -32.85 0.00
C GLU A 191 11.73 -32.06 -0.99
N THR A 192 11.68 -32.46 -2.27
CA THR A 192 12.35 -31.74 -3.31
C THR A 192 11.48 -30.60 -3.73
N TYR A 193 12.11 -29.46 -4.06
CA TYR A 193 11.36 -28.30 -4.50
C TYR A 193 11.86 -27.99 -5.87
N GLU A 194 10.94 -27.60 -6.79
CA GLU A 194 11.37 -27.35 -8.13
C GLU A 194 11.25 -25.90 -8.45
N ASP A 195 12.28 -25.36 -9.15
CA ASP A 195 12.30 -23.98 -9.53
C ASP A 195 12.83 -23.86 -10.94
N THR A 196 12.54 -22.72 -11.59
CA THR A 196 13.05 -22.49 -12.91
C THR A 196 14.09 -21.41 -12.78
N THR A 197 15.34 -21.72 -13.15
CA THR A 197 16.36 -20.73 -12.99
C THR A 197 16.50 -19.99 -14.28
N LEU A 198 16.28 -18.67 -14.22
CA LEU A 198 16.41 -17.91 -15.43
C LEU A 198 17.79 -17.34 -15.41
N SER A 199 18.62 -17.73 -16.39
CA SER A 199 19.97 -17.24 -16.45
C SER A 199 20.04 -16.36 -17.64
N PHE A 200 20.35 -15.07 -17.41
CA PHE A 200 20.35 -14.16 -18.51
C PHE A 200 21.74 -13.63 -18.68
N THR A 201 22.25 -13.68 -19.92
CA THR A 201 23.55 -13.13 -20.17
C THR A 201 23.33 -11.96 -21.06
N PHE A 202 23.81 -10.77 -20.63
CA PHE A 202 23.57 -9.59 -21.40
C PHE A 202 24.71 -8.65 -21.27
N ARG A 203 24.81 -7.72 -22.24
CA ARG A 203 25.81 -6.71 -22.19
C ARG A 203 25.21 -5.50 -22.82
N LYS A 204 25.85 -4.33 -22.64
CA LYS A 204 25.37 -3.11 -23.25
C LYS A 204 25.76 -3.14 -24.70
N PRO A 205 24.85 -2.73 -25.53
CA PRO A 205 25.15 -2.69 -26.93
C PRO A 205 25.86 -1.42 -27.26
N SER B 1 -5.85 -32.74 -7.59
CA SER B 1 -4.70 -33.19 -6.76
C SER B 1 -5.03 -34.47 -6.09
N ARG B 2 -4.46 -34.71 -4.91
CA ARG B 2 -4.76 -35.91 -4.20
C ARG B 2 -5.90 -35.59 -3.29
N ARG B 3 -6.92 -36.46 -3.29
CA ARG B 3 -8.10 -36.24 -2.48
C ARG B 3 -7.74 -36.36 -1.04
N SER B 4 -6.82 -37.28 -0.70
CA SER B 4 -6.43 -37.51 0.66
C SER B 4 -5.82 -36.26 1.24
N ARG B 5 -4.96 -35.59 0.47
CA ARG B 5 -4.32 -34.37 0.87
C ARG B 5 -5.37 -33.32 1.02
N SER B 6 -6.36 -33.35 0.11
CA SER B 6 -7.39 -32.36 0.05
C SER B 6 -8.12 -32.30 1.35
N GLU B 7 -8.49 -33.46 1.91
CA GLU B 7 -9.25 -33.48 3.11
C GLU B 7 -8.45 -32.89 4.22
N ILE B 8 -7.13 -33.11 4.21
CA ILE B 8 -6.26 -32.69 5.28
C ILE B 8 -6.30 -31.19 5.42
N LEU B 9 -6.07 -30.46 4.32
CA LEU B 9 -5.99 -29.03 4.45
C LEU B 9 -7.31 -28.48 4.91
N GLN B 10 -8.42 -28.97 4.33
CA GLN B 10 -9.71 -28.43 4.65
C GLN B 10 -10.02 -28.70 6.08
N ASP B 11 -9.69 -29.90 6.60
CA ASP B 11 -10.04 -30.18 7.96
C ASP B 11 -9.32 -29.26 8.89
N VAL B 12 -8.02 -29.03 8.66
CA VAL B 12 -7.24 -28.18 9.53
C VAL B 12 -7.67 -26.75 9.40
N LEU B 13 -7.86 -26.27 8.16
CA LEU B 13 -8.22 -24.92 7.86
C LEU B 13 -9.65 -24.58 8.18
N SER B 14 -10.60 -25.45 7.82
CA SER B 14 -12.01 -25.17 7.94
C SER B 14 -12.59 -25.38 9.32
N ARG B 15 -12.13 -26.50 9.99
CA ARG B 15 -12.55 -27.02 11.27
C ARG B 15 -11.52 -26.79 12.38
N CYS B 16 -10.28 -27.31 12.23
CA CYS B 16 -9.33 -27.37 13.34
C CYS B 16 -8.88 -26.05 13.90
N SER B 17 -9.18 -23.97 13.91
CA SER B 17 -8.68 -22.89 14.75
C SER B 17 -8.60 -21.56 14.07
N PRO B 18 -9.11 -20.57 14.77
CA PRO B 18 -8.94 -19.19 14.42
C PRO B 18 -7.75 -18.73 15.23
N LEU B 19 -7.29 -17.47 14.99
CA LEU B 19 -6.17 -16.90 15.68
C LEU B 19 -6.48 -16.92 17.14
N ASN B 20 -5.85 -17.87 17.86
CA ASN B 20 -5.96 -18.04 19.28
C ASN B 20 -4.89 -19.04 19.60
N ILE B 21 -4.15 -18.90 20.71
CA ILE B 21 -3.14 -19.91 20.97
C ILE B 21 -3.85 -21.14 21.52
N PRO B 22 -3.77 -22.22 20.78
CA PRO B 22 -4.50 -23.44 21.03
C PRO B 22 -4.08 -24.18 22.27
N ILE B 23 -2.91 -23.82 22.86
CA ILE B 23 -2.36 -24.54 23.98
C ILE B 23 -2.78 -23.94 25.30
N GLU B 24 -3.67 -24.70 25.98
CA GLU B 24 -4.28 -24.50 27.26
C GLU B 24 -3.37 -24.82 28.42
N ASP B 25 -2.43 -25.79 28.26
CA ASP B 25 -1.69 -26.32 29.37
C ASP B 25 -0.43 -25.49 29.48
N ASP B 26 0.50 -26.00 30.32
CA ASP B 26 1.67 -25.29 30.74
C ASP B 26 2.70 -25.25 29.65
N GLN B 27 2.45 -24.42 28.62
CA GLN B 27 3.48 -24.25 27.61
C GLN B 27 3.44 -22.85 27.05
N PRO B 28 4.62 -22.26 27.02
CA PRO B 28 4.87 -21.06 26.27
C PRO B 28 5.15 -21.54 24.88
N VAL B 29 5.07 -20.70 23.84
CA VAL B 29 5.46 -21.25 22.56
C VAL B 29 6.88 -20.82 22.29
N LYS B 30 7.76 -21.78 21.96
CA LYS B 30 9.11 -21.50 21.60
C LYS B 30 9.15 -21.37 20.11
N VAL B 31 9.91 -20.38 19.60
CA VAL B 31 10.04 -20.28 18.17
C VAL B 31 11.51 -20.26 17.89
N SER B 32 11.99 -21.20 17.07
CA SER B 32 13.39 -21.24 16.75
C SER B 32 13.61 -20.23 15.67
N PHE B 33 14.75 -19.51 15.76
CA PHE B 33 15.00 -18.46 14.81
C PHE B 33 16.38 -18.65 14.30
N GLU B 34 16.55 -18.54 12.97
CA GLU B 34 17.86 -18.65 12.39
C GLU B 34 17.90 -17.68 11.25
N TYR B 35 19.10 -17.17 10.93
CA TYR B 35 19.23 -16.20 9.88
C TYR B 35 20.12 -16.75 8.82
N SER B 36 19.71 -16.62 7.55
CA SER B 36 20.61 -16.99 6.49
C SER B 36 20.90 -15.70 5.80
N LEU B 37 22.08 -15.10 6.06
CA LEU B 37 22.42 -13.84 5.50
C LEU B 37 22.80 -14.08 4.07
N GLN B 38 21.93 -13.63 3.14
CA GLN B 38 22.16 -13.76 1.73
C GLN B 38 23.11 -12.75 1.19
N LYS B 39 22.96 -11.46 1.56
CA LYS B 39 23.82 -10.47 0.96
C LYS B 39 23.69 -9.18 1.69
N ILE B 40 24.77 -8.38 1.70
CA ILE B 40 24.65 -7.04 2.21
C ILE B 40 24.63 -6.20 0.97
N PHE B 41 23.42 -5.82 0.54
CA PHE B 41 23.23 -5.12 -0.69
C PHE B 41 23.81 -3.74 -0.69
N ARG B 42 23.48 -2.89 0.32
CA ARG B 42 24.01 -1.58 0.15
C ARG B 42 24.28 -0.92 1.46
N ALA B 43 25.11 0.15 1.41
CA ALA B 43 25.44 0.92 2.57
C ALA B 43 25.19 2.36 2.22
N ASP B 44 24.62 3.14 3.15
CA ASP B 44 24.38 4.54 2.89
C ASP B 44 25.04 5.33 3.96
N VAL B 45 26.13 6.04 3.59
CA VAL B 45 26.94 6.82 4.48
C VAL B 45 26.21 8.02 5.02
N GLU B 46 25.41 8.71 4.18
CA GLU B 46 24.77 9.89 4.69
C GLU B 46 23.68 9.53 5.65
N ASN B 47 22.89 8.50 5.30
CA ASN B 47 21.77 7.99 6.04
C ASN B 47 22.19 7.14 7.21
N ASP B 48 23.35 6.45 7.10
CA ASP B 48 23.76 5.51 8.10
C ASP B 48 22.78 4.39 8.18
N GLU B 49 22.36 3.86 7.01
CA GLU B 49 21.47 2.75 6.94
C GLU B 49 22.14 1.70 6.12
N VAL B 50 21.88 0.41 6.44
CA VAL B 50 22.51 -0.65 5.70
C VAL B 50 21.42 -1.59 5.28
N ASP B 51 21.59 -2.25 4.10
CA ASP B 51 20.55 -3.13 3.61
C ASP B 51 21.01 -4.55 3.64
N ILE B 52 20.15 -5.44 4.17
CA ILE B 52 20.49 -6.84 4.24
C ILE B 52 19.44 -7.59 3.49
N GLY B 53 19.88 -8.59 2.70
CA GLY B 53 18.97 -9.51 2.09
C GLY B 53 19.27 -10.76 2.85
N LEU B 54 18.20 -11.27 3.55
CA LEU B 54 18.16 -12.32 4.54
C LEU B 54 16.99 -13.23 4.32
N TRP B 55 17.09 -14.50 4.71
CA TRP B 55 15.81 -15.13 4.87
C TRP B 55 15.75 -15.62 6.29
N THR B 56 14.56 -15.64 6.88
CA THR B 56 14.49 -15.99 8.28
C THR B 56 13.83 -17.32 8.44
N THR B 57 14.50 -18.22 9.17
CA THR B 57 13.93 -19.53 9.36
C THR B 57 13.18 -19.46 10.63
N LEU B 58 11.87 -19.79 10.58
CA LEU B 58 11.09 -19.73 11.77
C LEU B 58 10.44 -21.05 11.97
N VAL B 59 10.55 -21.64 13.18
CA VAL B 59 9.89 -22.88 13.40
C VAL B 59 9.12 -22.82 14.68
N TRP B 60 7.90 -23.42 14.69
CA TRP B 60 7.11 -23.45 15.88
C TRP B 60 6.20 -24.64 15.83
N LYS B 61 5.67 -25.04 17.00
CA LYS B 61 4.70 -26.09 17.00
C LYS B 61 3.39 -25.54 17.45
N ASP B 62 2.32 -25.84 16.67
CA ASP B 62 0.98 -25.47 16.99
C ASP B 62 0.29 -26.77 17.34
N ARG B 63 -0.78 -26.71 18.15
CA ARG B 63 -1.56 -27.87 18.55
C ARG B 63 -2.62 -28.07 17.50
N CYS B 64 -2.67 -29.25 16.86
CA CYS B 64 -3.69 -29.41 15.87
C CYS B 64 -4.47 -30.60 16.31
N LEU B 65 -5.72 -30.75 15.82
CA LEU B 65 -6.45 -31.92 16.24
C LEU B 65 -6.55 -32.90 15.13
N ASN B 66 -6.43 -34.20 15.48
CA ASN B 66 -6.56 -35.26 14.53
C ASN B 66 -7.99 -35.64 14.56
N TRP B 67 -8.61 -35.79 13.39
CA TRP B 67 -10.03 -35.95 13.51
C TRP B 67 -10.27 -37.26 12.87
N PHE B 68 -10.44 -37.18 11.55
CA PHE B 68 -10.57 -38.32 10.70
C PHE B 68 -9.28 -39.04 10.95
N ASN B 69 -9.33 -40.38 11.13
CA ASN B 69 -8.14 -41.08 11.55
C ASN B 69 -7.07 -40.97 10.52
N GLU B 70 -5.86 -40.57 10.97
CA GLU B 70 -4.77 -40.39 10.06
C GLU B 70 -4.40 -41.70 9.44
N PHE B 71 -4.55 -41.78 8.11
CA PHE B 71 -4.02 -42.94 7.40
C PHE B 71 -2.73 -42.48 6.77
N THR B 72 -1.96 -43.40 6.13
CA THR B 72 -0.75 -42.94 5.47
C THR B 72 -1.16 -42.01 4.40
N SER B 73 -0.84 -40.73 4.59
CA SER B 73 -1.33 -39.77 3.68
C SER B 73 -0.32 -38.68 3.61
N PHE B 74 -0.76 -37.53 3.07
CA PHE B 74 0.11 -36.41 2.82
C PHE B 74 0.48 -35.83 4.16
N LYS B 75 1.80 -35.95 4.49
CA LYS B 75 2.45 -35.61 5.73
C LYS B 75 2.65 -34.12 5.98
N GLU B 76 3.05 -33.39 4.93
CA GLU B 76 3.21 -31.97 5.07
C GLU B 76 2.34 -31.36 4.02
N LEU B 77 1.62 -30.28 4.35
CA LEU B 77 1.05 -29.57 3.25
C LEU B 77 1.51 -28.14 3.30
N THR B 78 1.41 -27.60 2.18
CA THR B 78 1.83 -26.23 2.13
C THR B 78 0.64 -25.34 2.07
N VAL B 79 0.73 -24.15 2.69
CA VAL B 79 -0.38 -23.23 2.69
C VAL B 79 0.12 -21.83 2.81
N PRO B 80 -0.69 -20.90 2.40
CA PRO B 80 -0.30 -19.52 2.52
C PRO B 80 -0.21 -19.15 3.97
N ILE B 81 0.73 -18.26 4.30
CA ILE B 81 1.01 -17.83 5.64
C ILE B 81 -0.18 -17.18 6.23
N ALA B 82 -1.00 -16.54 5.38
CA ALA B 82 -2.17 -15.82 5.83
C ALA B 82 -3.09 -16.77 6.54
N GLU B 83 -3.14 -18.04 6.11
CA GLU B 83 -4.06 -19.01 6.63
C GLU B 83 -3.84 -19.28 8.09
N ILE B 84 -2.57 -19.24 8.57
CA ILE B 84 -2.26 -19.59 9.93
C ILE B 84 -1.55 -18.47 10.64
N TRP B 85 -1.56 -18.54 11.99
CA TRP B 85 -0.94 -17.59 12.85
C TRP B 85 0.55 -17.66 12.69
N THR B 86 1.21 -16.48 12.64
CA THR B 86 2.63 -16.42 12.52
C THR B 86 3.13 -15.52 13.62
N PRO B 87 4.34 -15.71 14.06
CA PRO B 87 4.90 -14.87 15.10
C PRO B 87 5.22 -13.48 14.63
N ASP B 88 5.20 -12.52 15.57
CA ASP B 88 5.42 -11.11 15.44
C ASP B 88 6.86 -10.70 15.35
N ILE B 89 7.81 -11.63 15.14
CA ILE B 89 9.20 -11.22 15.12
C ILE B 89 9.47 -10.04 14.24
N PHE B 90 10.09 -9.00 14.83
CA PHE B 90 10.39 -7.78 14.13
C PHE B 90 11.77 -7.31 14.45
N ILE B 91 12.37 -6.58 13.50
CA ILE B 91 13.66 -5.98 13.68
C ILE B 91 13.41 -4.76 14.50
N PHE B 92 14.18 -4.59 15.59
CA PHE B 92 13.96 -3.49 16.47
C PHE B 92 14.28 -2.19 15.81
N ASP B 93 15.38 -2.12 15.02
CA ASP B 93 15.73 -0.83 14.47
C ASP B 93 15.67 -0.81 12.98
N SER B 94 14.52 -1.15 12.37
CA SER B 94 14.47 -1.03 10.94
C SER B 94 14.18 0.40 10.63
N VAL B 95 14.85 0.94 9.60
CA VAL B 95 14.60 2.27 9.15
C VAL B 95 13.33 2.28 8.37
N GLY B 96 13.06 1.21 7.61
CA GLY B 96 11.89 1.21 6.78
C GLY B 96 11.19 -0.10 6.91
N ALA B 97 9.96 -0.15 6.36
CA ALA B 97 9.22 -1.37 6.42
C ALA B 97 9.97 -2.36 5.60
N PRO B 98 10.10 -3.54 6.12
CA PRO B 98 10.82 -4.55 5.40
C PRO B 98 10.01 -4.99 4.23
N GLU B 99 10.68 -5.39 3.14
CA GLU B 99 9.91 -5.84 2.01
C GLU B 99 10.10 -7.32 1.90
N ILE B 100 9.11 -8.00 1.27
CA ILE B 100 9.14 -9.44 1.22
C ILE B 100 9.53 -9.90 -0.16
N PHE B 101 10.65 -10.64 -0.24
CA PHE B 101 11.16 -11.24 -1.44
C PHE B 101 10.40 -12.45 -1.88
N SER B 102 9.97 -13.32 -0.94
CA SER B 102 9.43 -14.59 -1.36
C SER B 102 7.96 -14.70 -1.08
N ASP B 103 7.35 -15.77 -1.64
CA ASP B 103 5.95 -16.02 -1.49
C ASP B 103 5.71 -16.35 -0.06
N LYS B 104 4.50 -16.00 0.46
CA LYS B 104 4.26 -16.31 1.83
C LYS B 104 3.63 -17.67 1.90
N LEU B 105 4.48 -18.72 2.01
CA LEU B 105 4.01 -20.08 2.06
C LEU B 105 4.67 -20.74 3.22
N ALA B 106 3.93 -21.60 3.96
CA ALA B 106 4.55 -22.29 5.05
C ALA B 106 4.18 -23.73 5.00
N ARG B 107 5.16 -24.62 5.29
CA ARG B 107 4.91 -26.04 5.30
C ARG B 107 4.48 -26.39 6.69
N VAL B 108 3.44 -27.23 6.81
CA VAL B 108 2.94 -27.64 8.09
C VAL B 108 3.04 -29.13 8.17
N SER B 109 3.25 -29.65 9.39
CA SER B 109 3.41 -31.06 9.57
C SER B 109 2.35 -31.52 10.52
N GLN B 110 2.08 -32.84 10.48
CA GLN B 110 1.04 -33.51 11.22
C GLN B 110 1.24 -33.33 12.69
N ASP B 111 2.50 -33.35 13.16
CA ASP B 111 2.77 -33.19 14.55
C ASP B 111 2.37 -31.81 14.98
N GLY B 112 2.14 -30.90 14.00
CA GLY B 112 1.71 -29.57 14.33
C GLY B 112 2.83 -28.63 14.01
N THR B 113 4.02 -29.16 13.71
CA THR B 113 5.18 -28.34 13.48
C THR B 113 5.02 -27.54 12.22
N VAL B 114 5.46 -26.26 12.26
CA VAL B 114 5.34 -25.43 11.09
C VAL B 114 6.68 -24.83 10.77
N THR B 115 7.01 -24.74 9.46
CA THR B 115 8.23 -24.12 9.07
C THR B 115 7.90 -23.03 8.09
N TYR B 116 8.27 -21.77 8.42
CA TYR B 116 7.99 -20.65 7.57
C TYR B 116 9.27 -19.91 7.35
N VAL B 117 9.62 -19.65 6.07
CA VAL B 117 10.84 -18.93 5.81
C VAL B 117 10.60 -17.81 4.84
N PRO B 118 10.53 -16.62 5.35
CA PRO B 118 10.37 -15.48 4.49
C PRO B 118 11.71 -15.01 3.99
N GLN B 119 11.75 -14.35 2.81
CA GLN B 119 12.98 -13.75 2.37
C GLN B 119 12.72 -12.29 2.49
N LEU B 120 13.71 -11.51 2.96
CA LEU B 120 13.39 -10.13 3.23
C LEU B 120 14.57 -9.26 2.93
N LYS B 121 14.28 -7.99 2.62
CA LYS B 121 15.30 -6.99 2.51
C LYS B 121 15.00 -6.05 3.62
N VAL B 122 16.00 -5.74 4.46
CA VAL B 122 15.70 -4.88 5.56
C VAL B 122 16.68 -3.77 5.61
N ARG B 123 16.20 -2.57 5.98
CA ARG B 123 17.08 -1.44 6.13
C ARG B 123 17.15 -1.21 7.61
N LEU B 124 18.39 -1.17 8.17
CA LEU B 124 18.53 -0.98 9.58
C LEU B 124 19.54 0.10 9.83
N SER B 125 19.49 0.70 11.04
CA SER B 125 20.43 1.73 11.34
C SER B 125 21.77 1.10 11.57
N CYS B 126 22.81 1.68 10.95
CA CYS B 126 24.16 1.24 11.17
C CYS B 126 25.13 2.15 10.46
N PRO B 127 26.13 2.61 11.18
CA PRO B 127 27.14 3.42 10.55
C PRO B 127 28.10 2.60 9.74
N LEU B 128 28.25 2.92 8.45
CA LEU B 128 29.10 2.28 7.48
C LEU B 128 30.52 2.71 7.60
N ALA B 129 30.79 3.83 8.30
CA ALA B 129 32.11 4.40 8.34
C ALA B 129 33.15 3.37 8.65
N ASP B 130 34.31 3.49 7.97
CA ASP B 130 35.46 2.63 8.06
C ASP B 130 35.21 1.26 7.50
N LEU B 131 34.28 1.15 6.54
CA LEU B 131 33.98 -0.08 5.88
C LEU B 131 35.19 -0.51 5.08
N LYS B 132 35.91 0.46 4.50
CA LYS B 132 37.08 0.21 3.69
C LYS B 132 38.25 -0.28 4.49
N LEU B 133 38.37 0.13 5.76
CA LEU B 133 39.51 -0.26 6.54
C LEU B 133 39.52 -1.75 6.75
N GLU B 134 40.70 -2.27 7.11
CA GLU B 134 40.90 -3.68 7.34
C GLU B 134 40.06 -4.10 8.50
N THR B 135 39.93 -3.22 9.51
CA THR B 135 39.17 -3.56 10.69
C THR B 135 37.75 -3.81 10.29
N GLY B 136 37.20 -3.00 9.36
CA GLY B 136 35.86 -3.20 8.91
C GLY B 136 34.94 -2.48 9.84
N VAL B 137 33.64 -2.87 9.84
CA VAL B 137 32.70 -2.18 10.66
C VAL B 137 31.77 -3.19 11.27
N THR B 138 31.10 -2.83 12.38
CA THR B 138 30.19 -3.74 13.02
C THR B 138 28.83 -3.11 13.10
N CYS B 139 27.80 -3.96 12.95
CA CYS B 139 26.44 -3.50 13.03
C CYS B 139 25.70 -4.53 13.83
N SER B 140 24.61 -4.12 14.48
CA SER B 140 23.82 -5.05 15.22
C SER B 140 22.39 -4.68 15.05
N LEU B 141 21.50 -5.69 14.95
CA LEU B 141 20.10 -5.47 14.91
C LEU B 141 19.51 -6.56 15.74
N LYS B 142 18.40 -6.28 16.47
CA LYS B 142 17.87 -7.31 17.32
C LYS B 142 16.53 -7.70 16.79
N SER B 143 16.26 -9.03 16.75
CA SER B 143 14.95 -9.42 16.30
C SER B 143 14.30 -10.07 17.46
N GLY B 144 12.96 -9.95 17.56
CA GLY B 144 12.28 -10.57 18.67
C GLY B 144 10.86 -10.11 18.61
N SER B 145 9.98 -10.82 19.33
CA SER B 145 8.58 -10.54 19.37
C SER B 145 8.40 -9.16 19.89
N TRP B 146 7.51 -8.36 19.25
CA TRP B 146 7.32 -7.03 19.74
C TRP B 146 6.57 -7.07 21.04
N THR B 147 5.38 -7.70 21.03
CA THR B 147 4.47 -7.77 22.15
C THR B 147 4.77 -8.81 23.17
N HIS B 148 5.16 -10.03 22.73
CA HIS B 148 5.30 -11.17 23.61
C HIS B 148 6.48 -11.07 24.52
N SER B 149 6.24 -11.40 25.81
CA SER B 149 7.30 -11.47 26.78
C SER B 149 7.87 -12.85 26.69
N THR B 150 8.95 -13.10 27.46
CA THR B 150 9.61 -14.36 27.46
C THR B 150 8.63 -15.40 27.91
N GLN B 151 7.67 -15.02 28.79
CA GLN B 151 6.73 -16.02 29.24
C GLN B 151 5.88 -16.50 28.09
N GLU B 152 5.38 -15.59 27.22
CA GLU B 152 4.55 -16.03 26.12
C GLU B 152 5.33 -16.68 25.03
N LEU B 153 6.44 -16.04 24.58
CA LEU B 153 7.18 -16.60 23.48
C LEU B 153 8.60 -16.75 23.88
N THR B 154 9.17 -17.95 23.62
CA THR B 154 10.55 -18.15 23.94
C THR B 154 11.26 -18.29 22.64
N LEU B 155 12.41 -17.61 22.47
CA LEU B 155 13.11 -17.68 21.22
C LEU B 155 14.32 -18.54 21.40
N GLU B 156 14.63 -19.38 20.39
CA GLU B 156 15.76 -20.26 20.49
C GLU B 156 16.53 -20.20 19.19
N VAL B 157 17.85 -20.49 19.26
CA VAL B 157 18.66 -20.51 18.08
C VAL B 157 19.49 -21.77 18.07
N ASN B 158 19.63 -22.41 16.90
CA ASN B 158 20.46 -23.58 16.76
C ASN B 158 21.92 -23.20 16.68
N ALA B 159 22.25 -22.14 15.91
CA ALA B 159 23.64 -21.81 15.65
C ALA B 159 23.80 -20.32 15.53
N LYS B 160 25.05 -19.86 15.29
CA LYS B 160 25.43 -18.46 15.19
C LYS B 160 24.88 -17.66 14.01
N VAL B 161 25.24 -17.94 12.71
CA VAL B 161 24.71 -17.28 11.50
C VAL B 161 25.11 -18.11 10.29
N ASP B 162 24.22 -18.22 9.27
CA ASP B 162 24.47 -19.05 8.10
C ASP B 162 25.05 -18.24 6.98
N LEU B 163 26.37 -18.37 6.79
CA LEU B 163 27.19 -17.75 5.79
C LEU B 163 27.17 -18.46 4.46
N GLY B 164 26.82 -19.77 4.45
CA GLY B 164 27.03 -20.60 3.29
C GLY B 164 26.35 -20.07 2.06
N ASP B 165 25.12 -19.56 2.22
CA ASP B 165 24.31 -19.03 1.16
C ASP B 165 24.83 -17.72 0.67
N TYR B 166 25.68 -17.05 1.47
CA TYR B 166 26.14 -15.71 1.20
C TYR B 166 26.67 -15.62 -0.21
N ALA B 167 26.27 -14.56 -0.94
CA ALA B 167 26.64 -14.40 -2.31
C ALA B 167 28.13 -14.24 -2.42
N SER B 168 28.71 -14.98 -3.37
CA SER B 168 30.14 -15.03 -3.55
C SER B 168 30.68 -13.70 -3.91
N ASP B 169 30.09 -13.01 -4.90
CA ASP B 169 30.69 -11.76 -5.28
C ASP B 169 29.84 -10.65 -4.76
N THR B 170 29.66 -10.60 -3.43
CA THR B 170 28.89 -9.53 -2.86
C THR B 170 29.82 -8.37 -2.74
N ARG B 171 29.24 -7.16 -2.67
CA ARG B 171 30.01 -5.97 -2.55
C ARG B 171 30.77 -6.04 -1.26
N PHE B 172 30.18 -6.64 -0.21
CA PHE B 172 30.88 -6.61 1.05
C PHE B 172 31.17 -8.02 1.52
N GLN B 173 32.38 -8.23 2.05
CA GLN B 173 32.84 -9.48 2.59
C GLN B 173 32.36 -9.58 4.00
N LEU B 174 32.13 -10.81 4.47
CA LEU B 174 31.61 -11.05 5.78
C LEU B 174 32.71 -11.46 6.70
N LEU B 175 33.03 -10.60 7.70
CA LEU B 175 34.01 -10.91 8.70
C LEU B 175 33.46 -11.95 9.64
N ASN B 176 32.23 -11.72 10.15
CA ASN B 176 31.64 -12.68 11.04
C ASN B 176 30.19 -12.36 11.27
N ALA B 177 29.33 -13.40 11.22
CA ALA B 177 27.94 -13.19 11.43
C ALA B 177 27.57 -13.94 12.67
N THR B 178 26.92 -13.26 13.63
CA THR B 178 26.61 -13.90 14.86
C THR B 178 25.17 -13.66 15.21
N GLN B 179 24.54 -14.64 15.89
CA GLN B 179 23.19 -14.50 16.36
C GLN B 179 23.20 -14.91 17.79
N GLN B 180 23.31 -13.95 18.72
CA GLN B 180 23.34 -14.35 20.08
C GLN B 180 22.00 -14.04 20.68
N VAL B 181 21.48 -14.98 21.48
CA VAL B 181 20.20 -14.79 22.09
C VAL B 181 20.39 -14.04 23.36
N ASN B 182 19.49 -13.07 23.62
CA ASN B 182 19.58 -12.37 24.87
C ASN B 182 18.21 -12.01 25.33
N ARG B 183 18.07 -11.80 26.65
CA ARG B 183 16.82 -11.42 27.22
C ARG B 183 17.05 -10.09 27.85
N LYS B 184 16.09 -9.15 27.68
CA LYS B 184 16.29 -7.89 28.32
C LYS B 184 14.99 -7.31 28.77
N GLN B 185 15.02 -6.15 29.45
CA GLN B 185 13.80 -5.63 29.99
C GLN B 185 13.52 -4.25 29.46
N TYR B 186 12.25 -3.83 29.57
CA TYR B 186 11.83 -2.53 29.11
C TYR B 186 11.11 -1.88 30.25
N PRO B 187 11.04 -0.58 30.22
CA PRO B 187 10.39 0.15 31.27
C PRO B 187 8.92 -0.10 31.37
N CYS B 188 8.28 -0.52 30.26
CA CYS B 188 6.86 -0.72 30.27
C CYS B 188 6.53 -1.86 31.17
N CYS B 189 7.38 -2.90 31.18
CA CYS B 189 6.88 -4.10 31.76
C CYS B 189 7.94 -4.79 32.56
N PRO B 190 7.51 -5.43 33.61
CA PRO B 190 8.35 -6.19 34.50
C PRO B 190 8.86 -7.46 33.91
N GLU B 191 8.25 -7.94 32.81
CA GLU B 191 8.58 -9.22 32.25
C GLU B 191 9.82 -9.13 31.42
N THR B 192 10.55 -10.25 31.29
CA THR B 192 11.72 -10.30 30.46
C THR B 192 11.28 -10.53 29.06
N TYR B 193 11.98 -9.90 28.09
CA TYR B 193 11.66 -10.08 26.69
C TYR B 193 12.89 -10.63 26.06
N GLU B 194 12.72 -11.60 25.13
CA GLU B 194 13.88 -12.21 24.53
C GLU B 194 13.98 -11.83 23.10
N ASP B 195 15.22 -11.53 22.64
CA ASP B 195 15.47 -11.14 21.28
C ASP B 195 16.76 -11.79 20.83
N THR B 196 16.93 -11.90 19.50
CA THR B 196 18.14 -12.44 18.95
C THR B 196 18.88 -11.30 18.33
N THR B 197 20.10 -11.03 18.83
CA THR B 197 20.82 -9.91 18.29
C THR B 197 21.71 -10.41 17.21
N LEU B 198 21.51 -9.87 16.00
CA LEU B 198 22.34 -10.31 14.91
C LEU B 198 23.43 -9.29 14.81
N SER B 199 24.69 -9.71 15.03
CA SER B 199 25.79 -8.81 14.95
C SER B 199 26.58 -9.20 13.76
N PHE B 200 26.70 -8.29 12.78
CA PHE B 200 27.36 -8.64 11.58
C PHE B 200 28.57 -7.77 11.43
N THR B 201 29.73 -8.39 11.18
CA THR B 201 30.92 -7.62 10.96
C THR B 201 31.29 -7.82 9.54
N PHE B 202 31.40 -6.71 8.78
CA PHE B 202 31.69 -6.85 7.38
C PHE B 202 32.52 -5.71 6.91
N ARG B 203 33.19 -5.91 5.77
CA ARG B 203 33.96 -4.87 5.16
C ARG B 203 33.88 -5.09 3.69
N LYS B 204 34.27 -4.08 2.89
CA LYS B 204 34.26 -4.20 1.46
C LYS B 204 35.45 -5.02 1.06
N PRO B 205 35.24 -5.92 0.14
CA PRO B 205 36.33 -6.73 -0.31
C PRO B 205 37.09 -5.99 -1.36
N SER C 1 -0.15 -23.57 24.66
CA SER C 1 0.26 -22.57 25.69
C SER C 1 -0.42 -22.87 26.97
N ARG C 2 -0.68 -21.83 27.78
CA ARG C 2 -1.35 -22.04 29.02
C ARG C 2 -2.81 -21.86 28.74
N ARG C 3 -3.63 -22.82 29.23
CA ARG C 3 -5.05 -22.78 29.00
C ARG C 3 -5.64 -21.63 29.72
N SER C 4 -5.12 -21.30 30.93
CA SER C 4 -5.64 -20.25 31.74
C SER C 4 -5.50 -18.94 31.01
N ARG C 5 -4.34 -18.72 30.37
CA ARG C 5 -4.08 -17.52 29.62
C ARG C 5 -5.00 -17.50 28.44
N SER C 6 -5.23 -18.68 27.86
CA SER C 6 -6.01 -18.82 26.66
C SER C 6 -7.38 -18.27 26.88
N GLU C 7 -8.02 -18.61 28.01
CA GLU C 7 -9.36 -18.18 28.26
C GLU C 7 -9.39 -16.69 28.35
N ILE C 8 -8.33 -16.09 28.93
CA ILE C 8 -8.30 -14.67 29.18
C ILE C 8 -8.40 -13.90 27.90
N LEU C 9 -7.55 -14.22 26.90
CA LEU C 9 -7.56 -13.43 25.70
C LEU C 9 -8.89 -13.56 25.01
N GLN C 10 -9.41 -14.80 24.92
CA GLN C 10 -10.63 -15.02 24.20
C GLN C 10 -11.75 -14.30 24.87
N ASP C 11 -11.81 -14.31 26.22
CA ASP C 11 -12.92 -13.66 26.86
C ASP C 11 -12.91 -12.19 26.59
N VAL C 12 -11.73 -11.54 26.66
CA VAL C 12 -11.64 -10.13 26.45
C VAL C 12 -11.90 -9.78 25.00
N LEU C 13 -11.29 -10.55 24.08
CA LEU C 13 -11.39 -10.33 22.66
C LEU C 13 -12.71 -10.72 22.08
N SER C 14 -13.26 -11.89 22.45
CA SER C 14 -14.45 -12.43 21.84
C SER C 14 -15.75 -11.86 22.38
N ARG C 15 -15.79 -11.66 23.75
CA ARG C 15 -16.91 -11.22 24.56
C ARG C 15 -16.76 -9.79 25.05
N CYS C 16 -15.69 -9.46 25.81
CA CYS C 16 -15.61 -8.19 26.52
C CYS C 16 -15.58 -6.94 25.68
N SER C 17 -15.82 -6.14 23.75
CA SER C 17 -15.93 -4.79 23.24
C SER C 17 -15.45 -4.61 21.83
N PRO C 18 -16.28 -3.93 21.07
CA PRO C 18 -15.92 -3.44 19.77
C PRO C 18 -15.47 -2.03 19.99
N LEU C 19 -14.96 -1.37 18.91
CA LEU C 19 -14.49 -0.02 18.97
C LEU C 19 -15.62 0.84 19.43
N ASN C 20 -15.55 1.25 20.71
CA ASN C 20 -16.50 2.12 21.35
C ASN C 20 -15.85 2.45 22.66
N ILE C 21 -15.94 3.70 23.15
CA ILE C 21 -15.30 3.97 24.42
C ILE C 21 -16.20 3.41 25.50
N PRO C 22 -15.69 2.43 26.23
CA PRO C 22 -16.43 1.65 27.20
C PRO C 22 -16.85 2.41 28.42
N ILE C 23 -16.28 3.62 28.65
CA ILE C 23 -16.53 4.38 29.84
C ILE C 23 -17.66 5.36 29.67
N GLU C 24 -18.78 5.02 30.34
CA GLU C 24 -20.04 5.68 30.46
C GLU C 24 -20.03 6.86 31.42
N ASP C 25 -19.18 6.80 32.49
CA ASP C 25 -19.27 7.73 33.58
C ASP C 25 -18.33 8.86 33.23
N ASP C 26 -18.11 9.72 34.25
CA ASP C 26 -17.43 10.98 34.11
C ASP C 26 -15.95 10.79 33.96
N GLN C 27 -15.51 10.29 32.78
CA GLN C 27 -14.09 10.22 32.55
C GLN C 27 -13.77 10.45 31.10
N PRO C 28 -12.81 11.33 30.89
CA PRO C 28 -12.16 11.49 29.62
C PRO C 28 -11.10 10.44 29.63
N VAL C 29 -10.52 10.04 28.48
CA VAL C 29 -9.44 9.10 28.61
C VAL C 29 -8.14 9.87 28.53
N LYS C 30 -7.25 9.67 29.51
CA LYS C 30 -5.95 10.27 29.51
C LYS C 30 -5.02 9.30 28.87
N VAL C 31 -4.10 9.79 28.01
CA VAL C 31 -3.13 8.91 27.44
C VAL C 31 -1.79 9.51 27.74
N SER C 32 -0.92 8.76 28.42
CA SER C 32 0.39 9.27 28.71
C SER C 32 1.23 9.09 27.50
N PHE C 33 2.08 10.10 27.21
CA PHE C 33 2.86 10.04 26.01
C PHE C 33 4.27 10.34 26.37
N GLU C 34 5.21 9.53 25.84
CA GLU C 34 6.59 9.79 26.09
C GLU C 34 7.32 9.45 24.83
N TYR C 35 8.48 10.09 24.60
CA TYR C 35 9.22 9.87 23.39
C TYR C 35 10.57 9.36 23.75
N SER C 36 11.02 8.29 23.06
CA SER C 36 12.37 7.86 23.25
C SER C 36 13.02 8.12 21.93
N LEU C 37 13.81 9.21 21.84
CA LEU C 37 14.43 9.57 20.60
C LEU C 37 15.59 8.67 20.40
N GLN C 38 15.47 7.74 19.43
CA GLN C 38 16.51 6.81 19.09
C GLN C 38 17.60 7.41 18.27
N LYS C 39 17.25 8.18 17.21
CA LYS C 39 18.30 8.68 16.36
C LYS C 39 17.76 9.72 15.43
N ILE C 40 18.62 10.67 15.03
CA ILE C 40 18.22 11.58 14.00
C ILE C 40 18.96 11.08 12.80
N PHE C 41 18.25 10.31 11.96
CA PHE C 41 18.85 9.66 10.83
C PHE C 41 19.32 10.60 9.78
N ARG C 42 18.45 11.53 9.31
CA ARG C 42 18.98 12.30 8.22
C ARG C 42 18.40 13.67 8.18
N ALA C 43 19.09 14.57 7.46
CA ALA C 43 18.65 15.93 7.29
C ALA C 43 18.68 16.20 5.81
N ASP C 44 17.66 16.92 5.30
CA ASP C 44 17.62 17.24 3.89
C ASP C 44 17.51 18.72 3.77
N VAL C 45 18.60 19.37 3.31
CA VAL C 45 18.70 20.80 3.16
C VAL C 45 17.81 21.33 2.09
N GLU C 46 17.68 20.63 0.95
CA GLU C 46 16.87 21.18 -0.11
C GLU C 46 15.42 21.12 0.27
N ASN C 47 15.00 19.97 0.84
CA ASN C 47 13.66 19.66 1.23
C ASN C 47 13.27 20.31 2.52
N ASP C 48 14.26 20.54 3.43
CA ASP C 48 13.97 21.05 4.75
C ASP C 48 13.15 20.05 5.50
N GLU C 49 13.52 18.76 5.42
CA GLU C 49 12.85 17.72 6.13
C GLU C 49 13.88 17.01 6.96
N VAL C 50 13.47 16.51 8.14
CA VAL C 50 14.42 15.84 8.99
C VAL C 50 13.81 14.52 9.37
N ASP C 51 14.65 13.47 9.58
CA ASP C 51 14.13 12.16 9.87
C ASP C 51 14.47 11.78 11.28
N ILE C 52 13.47 11.28 12.03
CA ILE C 52 13.68 10.87 13.39
C ILE C 52 13.30 9.43 13.49
N GLY C 53 14.12 8.65 14.21
CA GLY C 53 13.77 7.31 14.55
C GLY C 53 13.54 7.43 16.02
N LEU C 54 12.26 7.12 16.42
CA LEU C 54 11.63 7.32 17.71
C LEU C 54 10.83 6.11 18.10
N TRP C 55 10.66 5.85 19.40
CA TRP C 55 9.54 4.99 19.65
C TRP C 55 8.65 5.73 20.59
N THR C 56 7.33 5.50 20.49
CA THR C 56 6.43 6.29 21.28
C THR C 56 5.81 5.43 22.35
N THR C 57 5.89 5.89 23.61
CA THR C 57 5.31 5.13 24.67
C THR C 57 3.94 5.65 24.86
N LEU C 58 2.94 4.76 24.77
CA LEU C 58 1.59 5.21 24.92
C LEU C 58 0.96 4.39 25.99
N VAL C 59 0.29 5.04 26.98
CA VAL C 59 -0.35 4.26 27.98
C VAL C 59 -1.75 4.77 28.17
N TRP C 60 -2.72 3.85 28.37
CA TRP C 60 -4.07 4.26 28.60
C TRP C 60 -4.77 3.19 29.39
N LYS C 61 -5.91 3.54 30.02
CA LYS C 61 -6.68 2.53 30.67
C LYS C 61 -7.99 2.40 29.98
N ASP C 62 -8.37 1.14 29.66
CA ASP C 62 -9.63 0.81 29.06
C ASP C 62 -10.39 0.09 30.15
N ARG C 63 -11.74 0.12 30.09
CA ARG C 63 -12.60 -0.55 31.06
C ARG C 63 -12.80 -1.96 30.54
N CYS C 64 -12.46 -2.98 31.35
CA CYS C 64 -12.67 -4.31 30.84
C CYS C 64 -13.56 -4.97 31.84
N LEU C 65 -14.25 -6.05 31.44
CA LEU C 65 -15.10 -6.68 32.43
C LEU C 65 -14.51 -7.97 32.87
N ASN C 66 -14.62 -8.25 34.18
CA ASN C 66 -14.16 -9.48 34.74
C ASN C 66 -15.31 -10.41 34.68
N TRP C 67 -15.09 -11.64 34.23
CA TRP C 67 -16.30 -12.39 34.01
C TRP C 67 -16.10 -13.57 34.88
N PHE C 68 -15.43 -14.56 34.28
CA PHE C 68 -15.03 -15.76 34.94
C PHE C 68 -14.15 -15.22 36.03
N ASN C 69 -14.31 -15.73 37.27
CA ASN C 69 -13.62 -15.11 38.38
C ASN C 69 -12.15 -15.22 38.20
N GLU C 70 -11.46 -14.07 38.36
CA GLU C 70 -10.03 -14.03 38.18
C GLU C 70 -9.37 -14.88 39.22
N PHE C 71 -8.68 -15.94 38.77
CA PHE C 71 -7.84 -16.68 39.69
C PHE C 71 -6.43 -16.23 39.41
N THR C 72 -5.43 -16.69 40.20
CA THR C 72 -4.07 -16.29 39.90
C THR C 72 -3.73 -16.84 38.57
N SER C 73 -3.59 -15.94 37.60
CA SER C 73 -3.43 -16.41 36.27
C SER C 73 -2.58 -15.41 35.56
N PHE C 74 -2.60 -15.50 34.22
CA PHE C 74 -1.75 -14.70 33.39
C PHE C 74 -2.27 -13.28 33.46
N LYS C 75 -1.42 -12.40 34.06
CA LYS C 75 -1.66 -11.01 34.39
C LYS C 75 -1.64 -10.06 33.21
N GLU C 76 -0.68 -10.24 32.29
CA GLU C 76 -0.64 -9.41 31.13
C GLU C 76 -0.68 -10.33 29.96
N LEU C 77 -1.46 -9.98 28.93
CA LEU C 77 -1.24 -10.74 27.73
C LEU C 77 -0.90 -9.80 26.62
N THR C 78 -0.30 -10.40 25.70
CA THR C 78 0.07 -9.57 24.58
C THR C 78 -0.84 -9.85 23.43
N VAL C 79 -1.14 -8.81 22.62
CA VAL C 79 -2.01 -8.99 21.49
C VAL C 79 -1.68 -7.99 20.44
N PRO C 80 -2.08 -8.29 19.24
CA PRO C 80 -1.83 -7.36 18.16
C PRO C 80 -2.64 -6.12 18.38
N ILE C 81 -2.10 -4.97 17.97
CA ILE C 81 -2.68 -3.68 18.18
C ILE C 81 -3.98 -3.60 17.46
N ALA C 82 -4.12 -4.34 16.36
CA ALA C 82 -5.32 -4.32 15.56
C ALA C 82 -6.49 -4.76 16.40
N GLU C 83 -6.27 -5.67 17.36
CA GLU C 83 -7.31 -6.25 18.14
C GLU C 83 -8.03 -5.22 18.97
N ILE C 84 -7.31 -4.18 19.47
CA ILE C 84 -7.89 -3.22 20.36
C ILE C 84 -7.76 -1.81 19.83
N TRP C 85 -8.58 -0.90 20.39
CA TRP C 85 -8.61 0.48 20.03
C TRP C 85 -7.34 1.14 20.45
N THR C 86 -6.77 2.00 19.57
CA THR C 86 -5.57 2.71 19.88
C THR C 86 -5.84 4.16 19.61
N PRO C 87 -5.14 5.04 20.28
CA PRO C 87 -5.33 6.46 20.08
C PRO C 87 -4.79 6.94 18.76
N ASP C 88 -5.37 8.04 18.24
CA ASP C 88 -5.11 8.71 17.01
C ASP C 88 -3.92 9.61 17.02
N ILE C 89 -3.03 9.55 18.03
CA ILE C 89 -1.91 10.47 18.05
C ILE C 89 -1.16 10.53 16.76
N PHE C 90 -1.03 11.77 16.23
CA PHE C 90 -0.35 11.99 14.97
C PHE C 90 0.55 13.18 15.07
N ILE C 91 1.60 13.17 14.23
CA ILE C 91 2.52 14.26 14.13
C ILE C 91 1.83 15.27 13.28
N PHE C 92 1.78 16.53 13.74
CA PHE C 92 1.07 17.54 13.02
C PHE C 92 1.74 17.85 11.71
N ASP C 93 3.09 17.90 11.67
CA ASP C 93 3.70 18.30 10.43
C ASP C 93 4.56 17.22 9.85
N SER C 94 4.02 16.02 9.61
CA SER C 94 4.85 15.04 8.98
C SER C 94 4.81 15.33 7.50
N VAL C 95 5.97 15.21 6.84
CA VAL C 95 6.05 15.36 5.43
C VAL C 95 5.52 14.14 4.77
N GLY C 96 5.76 12.96 5.38
CA GLY C 96 5.33 11.74 4.74
C GLY C 96 4.69 10.85 5.75
N ALA C 97 4.05 9.79 5.26
CA ALA C 97 3.42 8.86 6.15
C ALA C 97 4.51 8.24 6.94
N PRO C 98 4.29 8.13 8.22
CA PRO C 98 5.30 7.55 9.06
C PRO C 98 5.37 6.08 8.80
N GLU C 99 6.56 5.48 8.94
CA GLU C 99 6.63 4.07 8.72
C GLU C 99 6.84 3.41 10.03
N ILE C 100 6.44 2.12 10.14
CA ILE C 100 6.49 1.43 11.40
C ILE C 100 7.64 0.46 11.41
N PHE C 101 8.57 0.67 12.37
CA PHE C 101 9.70 -0.18 12.59
C PHE C 101 9.37 -1.46 13.30
N SER C 102 8.45 -1.43 14.30
CA SER C 102 8.27 -2.59 15.12
C SER C 102 6.94 -3.25 14.90
N ASP C 103 6.78 -4.46 15.48
CA ASP C 103 5.58 -5.22 15.35
C ASP C 103 4.51 -4.49 16.09
N LYS C 104 3.24 -4.61 15.64
CA LYS C 104 2.21 -3.92 16.35
C LYS C 104 1.67 -4.83 17.41
N LEU C 105 2.28 -4.79 18.61
CA LEU C 105 1.87 -5.63 19.70
C LEU C 105 1.69 -4.76 20.90
N ALA C 106 0.65 -5.02 21.72
CA ALA C 106 0.47 -4.23 22.91
C ALA C 106 0.21 -5.14 24.06
N ARG C 107 0.80 -4.82 25.23
CA ARG C 107 0.60 -5.59 26.43
C ARG C 107 -0.59 -5.01 27.12
N VAL C 108 -1.50 -5.87 27.62
CA VAL C 108 -2.67 -5.42 28.31
C VAL C 108 -2.65 -5.99 29.69
N SER C 109 -3.22 -5.25 30.66
CA SER C 109 -3.21 -5.69 32.02
C SER C 109 -4.63 -5.81 32.47
N GLN C 110 -4.83 -6.58 33.55
CA GLN C 110 -6.10 -6.93 34.12
C GLN C 110 -6.83 -5.70 34.55
N ASP C 111 -6.12 -4.70 35.10
CA ASP C 111 -6.75 -3.49 35.54
C ASP C 111 -7.32 -2.78 34.36
N GLY C 112 -6.91 -3.17 33.13
CA GLY C 112 -7.44 -2.56 31.95
C GLY C 112 -6.37 -1.75 31.30
N THR C 113 -5.23 -1.56 32.01
CA THR C 113 -4.16 -0.73 31.52
C THR C 113 -3.53 -1.33 30.31
N VAL C 114 -3.19 -0.49 29.32
CA VAL C 114 -2.59 -0.99 28.11
C VAL C 114 -1.32 -0.23 27.83
N THR C 115 -0.26 -0.93 27.39
CA THR C 115 0.95 -0.26 27.03
C THR C 115 1.29 -0.63 25.61
N TYR C 116 1.38 0.38 24.73
CA TYR C 116 1.69 0.14 23.34
C TYR C 116 2.84 1.02 22.97
N VAL C 117 3.89 0.43 22.36
CA VAL C 117 5.02 1.23 21.98
C VAL C 117 5.42 0.93 20.56
N PRO C 118 5.06 1.80 19.67
CA PRO C 118 5.47 1.63 18.30
C PRO C 118 6.83 2.22 18.08
N GLN C 119 7.58 1.70 17.08
CA GLN C 119 8.83 2.33 16.72
C GLN C 119 8.55 2.95 15.40
N LEU C 120 9.05 4.18 15.16
CA LEU C 120 8.64 4.82 13.94
C LEU C 120 9.76 5.66 13.40
N LYS C 121 9.73 5.86 12.07
CA LYS C 121 10.60 6.78 11.42
C LYS C 121 9.70 7.84 10.91
N VAL C 122 9.99 9.12 11.22
CA VAL C 122 9.08 10.13 10.77
C VAL C 122 9.84 11.21 10.09
N ARG C 123 9.23 11.76 9.01
CA ARG C 123 9.83 12.87 8.32
C ARG C 123 8.99 14.05 8.67
N LEU C 124 9.64 15.12 9.18
CA LEU C 124 8.89 16.29 9.57
C LEU C 124 9.55 17.50 9.00
N SER C 125 8.78 18.60 8.88
CA SER C 125 9.35 19.80 8.34
C SER C 125 10.27 20.39 9.37
N CYS C 126 11.47 20.79 8.91
CA CYS C 126 12.42 21.45 9.77
C CYS C 126 13.62 21.90 8.97
N PRO C 127 13.98 23.16 9.11
CA PRO C 127 15.16 23.63 8.44
C PRO C 127 16.42 23.19 9.16
N LEU C 128 17.32 22.51 8.44
CA LEU C 128 18.59 21.99 8.88
C LEU C 128 19.64 23.04 8.96
N ALA C 129 19.44 24.19 8.30
CA ALA C 129 20.46 25.20 8.17
C ALA C 129 21.09 25.50 9.50
N ASP C 130 22.43 25.69 9.47
CA ASP C 130 23.29 25.98 10.58
C ASP C 130 23.42 24.81 11.53
N LEU C 131 23.26 23.59 11.01
CA LEU C 131 23.42 22.40 11.79
C LEU C 131 24.87 22.28 12.21
N LYS C 132 25.80 22.71 11.34
CA LYS C 132 27.21 22.65 11.60
C LYS C 132 27.66 23.62 12.65
N LEU C 133 26.99 24.77 12.80
CA LEU C 133 27.42 25.76 13.75
C LEU C 133 27.29 25.23 15.13
N GLU C 134 28.00 25.88 16.08
CA GLU C 134 28.02 25.50 17.46
C GLU C 134 26.65 25.67 18.02
N THR C 135 25.93 26.72 17.58
CA THR C 135 24.61 26.98 18.08
C THR C 135 23.73 25.82 17.76
N GLY C 136 23.86 25.25 16.55
CA GLY C 136 23.07 24.12 16.19
C GLY C 136 21.77 24.61 15.62
N VAL C 137 20.74 23.72 15.60
CA VAL C 137 19.49 24.12 15.02
C VAL C 137 18.38 23.58 15.88
N THR C 138 17.18 24.18 15.78
CA THR C 138 16.06 23.72 16.56
C THR C 138 14.94 23.34 15.66
N CYS C 139 14.21 22.28 16.05
CA CYS C 139 13.08 21.81 15.29
C CYS C 139 12.00 21.51 16.29
N SER C 140 10.73 21.58 15.86
CA SER C 140 9.67 21.24 16.73
C SER C 140 8.63 20.52 15.93
N LEU C 141 7.98 19.52 16.56
CA LEU C 141 6.89 18.82 15.93
C LEU C 141 5.92 18.59 17.05
N LYS C 142 4.60 18.64 16.75
CA LYS C 142 3.66 18.49 17.82
C LYS C 142 2.91 17.21 17.60
N SER C 143 2.71 16.43 18.69
CA SER C 143 1.95 15.22 18.51
C SER C 143 0.72 15.39 19.32
N GLY C 144 -0.40 14.80 18.87
CA GLY C 144 -1.62 14.94 19.63
C GLY C 144 -2.71 14.34 18.80
N SER C 145 -3.84 14.05 19.45
CA SER C 145 -4.99 13.45 18.82
C SER C 145 -5.44 14.36 17.72
N TRP C 146 -5.75 13.79 16.54
CA TRP C 146 -6.20 14.65 15.49
C TRP C 146 -7.59 15.15 15.77
N THR C 147 -8.52 14.20 15.99
CA THR C 147 -9.93 14.47 16.20
C THR C 147 -10.31 14.88 17.60
N HIS C 148 -9.74 14.22 18.63
CA HIS C 148 -10.16 14.39 20.00
C HIS C 148 -9.78 15.72 20.57
N SER C 149 -10.76 16.35 21.27
CA SER C 149 -10.51 17.57 21.98
C SER C 149 -10.00 17.17 23.33
N THR C 150 -9.61 18.19 24.14
CA THR C 150 -9.10 17.96 25.45
C THR C 150 -10.15 17.27 26.25
N GLN C 151 -11.44 17.55 25.97
CA GLN C 151 -12.46 16.90 26.75
C GLN C 151 -12.45 15.41 26.52
N GLU C 152 -12.31 14.95 25.26
CA GLU C 152 -12.31 13.53 25.01
C GLU C 152 -11.02 12.88 25.41
N LEU C 153 -9.87 13.45 25.00
CA LEU C 153 -8.62 12.81 25.30
C LEU C 153 -7.73 13.79 25.98
N THR C 154 -7.12 13.37 27.11
CA THR C 154 -6.22 14.24 27.79
C THR C 154 -4.86 13.63 27.65
N LEU C 155 -3.85 14.45 27.30
CA LEU C 155 -2.54 13.92 27.11
C LEU C 155 -1.69 14.30 28.28
N GLU C 156 -0.83 13.36 28.74
CA GLU C 156 0.01 13.63 29.87
C GLU C 156 1.40 13.16 29.57
N VAL C 157 2.41 13.78 30.22
CA VAL C 157 3.77 13.37 30.04
C VAL C 157 4.43 13.24 31.39
N ASN C 158 5.26 12.19 31.57
CA ASN C 158 6.00 12.01 32.80
C ASN C 158 7.20 12.90 32.84
N ALA C 159 7.94 13.03 31.71
CA ALA C 159 9.20 13.74 31.71
C ALA C 159 9.41 14.43 30.39
N LYS C 160 10.55 15.14 30.25
CA LYS C 160 10.91 15.93 29.08
C LYS C 160 11.20 15.16 27.79
N VAL C 161 12.27 14.31 27.66
CA VAL C 161 12.59 13.46 26.49
C VAL C 161 13.64 12.45 26.90
N ASP C 162 13.55 11.20 26.38
CA ASP C 162 14.46 10.12 26.75
C ASP C 162 15.59 10.02 25.78
N LEU C 163 16.76 10.54 26.21
CA LEU C 163 18.03 10.56 25.53
C LEU C 163 18.81 9.28 25.67
N GLY C 164 18.54 8.48 26.73
CA GLY C 164 19.40 7.39 27.11
C GLY C 164 19.61 6.40 25.99
N ASP C 165 18.54 6.09 25.26
CA ASP C 165 18.54 5.14 24.17
C ASP C 165 19.26 5.68 22.97
N TYR C 166 19.45 7.01 22.90
CA TYR C 166 19.98 7.68 21.75
C TYR C 166 21.26 7.01 21.32
N ALA C 167 21.39 6.77 19.99
CA ALA C 167 22.52 6.07 19.45
C ALA C 167 23.77 6.88 19.69
N SER C 168 24.81 6.17 20.17
CA SER C 168 26.05 6.79 20.56
C SER C 168 26.70 7.45 19.39
N ASP C 169 26.84 6.74 18.25
CA ASP C 169 27.55 7.37 17.17
C ASP C 169 26.56 7.79 16.13
N THR C 170 25.61 8.66 16.53
CA THR C 170 24.66 9.14 15.56
C THR C 170 25.32 10.26 14.84
N ARG C 171 24.82 10.55 13.63
CA ARG C 171 25.37 11.60 12.83
C ARG C 171 25.19 12.88 13.58
N PHE C 172 24.08 13.04 14.33
CA PHE C 172 23.87 14.32 14.95
C PHE C 172 23.81 14.15 16.45
N GLN C 173 24.45 15.08 17.17
CA GLN C 173 24.48 15.14 18.61
C GLN C 173 23.24 15.83 19.07
N LEU C 174 22.77 15.47 20.29
CA LEU C 174 21.56 16.01 20.83
C LEU C 174 21.88 17.07 21.84
N LEU C 175 21.53 18.34 21.52
CA LEU C 175 21.70 19.42 22.44
C LEU C 175 20.69 19.31 23.54
N ASN C 176 19.39 19.12 23.18
CA ASN C 176 18.39 18.99 24.20
C ASN C 176 17.09 18.52 23.58
N ALA C 177 16.44 17.54 24.24
CA ALA C 177 15.21 17.03 23.74
C ALA C 177 14.16 17.37 24.75
N THR C 178 13.06 18.01 24.31
CA THR C 178 12.07 18.42 25.25
C THR C 178 10.72 18.00 24.75
N GLN C 179 9.80 17.69 25.69
CA GLN C 179 8.43 17.37 25.36
C GLN C 179 7.58 18.20 26.25
N GLN C 180 7.10 19.35 25.75
CA GLN C 180 6.29 20.14 26.62
C GLN C 180 4.87 19.99 26.18
N VAL C 181 3.97 19.84 27.16
CA VAL C 181 2.58 19.67 26.86
C VAL C 181 1.96 21.01 26.70
N ASN C 182 1.10 21.16 25.69
CA ASN C 182 0.41 22.41 25.55
C ASN C 182 -0.96 22.17 25.01
N ARG C 183 -1.87 23.12 25.26
CA ARG C 183 -3.21 23.02 24.77
C ARG C 183 -3.40 24.20 23.88
N LYS C 184 -4.06 24.00 22.73
CA LYS C 184 -4.28 25.14 21.89
C LYS C 184 -5.59 25.01 21.17
N GLN C 185 -5.98 26.05 20.39
CA GLN C 185 -7.27 26.02 19.79
C GLN C 185 -7.16 26.13 18.30
N TYR C 186 -8.24 25.72 17.60
CA TYR C 186 -8.29 25.76 16.17
C TYR C 186 -9.55 26.47 15.80
N PRO C 187 -9.59 27.02 14.61
CA PRO C 187 -10.74 27.75 14.17
C PRO C 187 -11.96 26.91 14.00
N CYS C 188 -11.80 25.59 13.79
CA CYS C 188 -12.93 24.74 13.58
C CYS C 188 -13.75 24.67 14.83
N CYS C 189 -13.09 24.67 15.99
CA CYS C 189 -13.83 24.25 17.12
C CYS C 189 -13.48 25.07 18.33
N PRO C 190 -14.46 25.28 19.16
CA PRO C 190 -14.34 26.01 20.39
C PRO C 190 -13.58 25.29 21.45
N GLU C 191 -13.40 23.96 21.31
CA GLU C 191 -12.80 23.16 22.34
C GLU C 191 -11.31 23.27 22.30
N THR C 192 -10.65 23.06 23.46
CA THR C 192 -9.23 23.09 23.52
C THR C 192 -8.72 21.75 23.09
N TYR C 193 -7.58 21.73 22.38
CA TYR C 193 -6.98 20.49 21.94
C TYR C 193 -5.62 20.45 22.55
N GLU C 194 -5.19 19.26 23.03
CA GLU C 194 -3.92 19.18 23.67
C GLU C 194 -2.96 18.40 22.84
N ASP C 195 -1.70 18.88 22.75
CA ASP C 195 -0.67 18.23 22.00
C ASP C 195 0.62 18.30 22.76
N THR C 196 1.57 17.40 22.42
CA THR C 196 2.85 17.42 23.05
C THR C 196 3.83 17.90 22.02
N THR C 197 4.49 19.04 22.29
CA THR C 197 5.40 19.56 21.32
C THR C 197 6.76 19.05 21.61
N LEU C 198 7.34 18.33 20.64
CA LEU C 198 8.66 17.82 20.87
C LEU C 198 9.59 18.79 20.23
N SER C 199 10.45 19.44 21.05
CA SER C 199 11.38 20.38 20.53
C SER C 199 12.73 19.78 20.66
N PHE C 200 13.41 19.59 19.53
CA PHE C 200 14.68 18.92 19.60
C PHE C 200 15.72 19.87 19.10
N THR C 201 16.80 20.03 19.89
CA THR C 201 17.88 20.87 19.46
C THR C 201 19.04 19.97 19.23
N PHE C 202 19.60 20.00 18.00
CA PHE C 202 20.67 19.11 17.69
C PHE C 202 21.62 19.75 16.74
N ARG C 203 22.85 19.21 16.70
CA ARG C 203 23.83 19.68 15.77
C ARG C 203 24.65 18.49 15.40
N LYS C 204 25.46 18.61 14.33
CA LYS C 204 26.32 17.54 13.91
C LYS C 204 27.50 17.52 14.84
N PRO C 205 27.89 16.34 15.24
CA PRO C 205 29.02 16.23 16.09
C PRO C 205 30.27 16.23 15.28
N SER D 1 -15.18 6.50 29.85
CA SER D 1 -15.47 7.90 29.45
C SER D 1 -16.79 8.31 30.00
N ARG D 2 -17.49 9.22 29.29
CA ARG D 2 -18.77 9.63 29.74
C ARG D 2 -19.76 8.73 29.07
N ARG D 3 -20.71 8.19 29.86
CA ARG D 3 -21.70 7.28 29.35
C ARG D 3 -22.61 8.01 28.42
N SER D 4 -22.92 9.29 28.72
CA SER D 4 -23.82 10.07 27.93
C SER D 4 -23.27 10.23 26.55
N ARG D 5 -21.96 10.51 26.43
CA ARG D 5 -21.29 10.67 25.18
C ARG D 5 -21.30 9.35 24.47
N SER D 6 -21.15 8.27 25.25
CA SER D 6 -21.04 6.94 24.71
C SER D 6 -22.25 6.61 23.91
N GLU D 7 -23.45 6.91 24.45
CA GLU D 7 -24.65 6.56 23.78
C GLU D 7 -24.74 7.30 22.49
N ILE D 8 -24.24 8.55 22.46
CA ILE D 8 -24.36 9.39 21.30
C ILE D 8 -23.67 8.79 20.12
N LEU D 9 -22.39 8.39 20.28
CA LEU D 9 -21.66 7.91 19.14
C LEU D 9 -22.30 6.65 18.63
N GLN D 10 -22.67 5.73 19.55
CA GLN D 10 -23.19 4.46 19.14
C GLN D 10 -24.49 4.67 18.43
N ASP D 11 -25.35 5.58 18.90
CA ASP D 11 -26.62 5.74 18.26
C ASP D 11 -26.44 6.22 16.86
N VAL D 12 -25.55 7.21 16.64
CA VAL D 12 -25.34 7.76 15.33
C VAL D 12 -24.67 6.76 14.43
N LEU D 13 -23.63 6.08 14.94
CA LEU D 13 -22.84 5.13 14.20
C LEU D 13 -23.55 3.83 13.96
N SER D 14 -24.21 3.26 14.99
CA SER D 14 -24.79 1.94 14.91
C SER D 14 -26.14 1.88 14.23
N ARG D 15 -27.01 2.91 14.54
CA ARG D 15 -28.39 3.09 14.12
C ARG D 15 -28.56 4.17 13.07
N CYS D 16 -28.17 5.44 13.36
CA CYS D 16 -28.53 6.57 12.52
C CYS D 16 -28.00 6.56 11.11
N SER D 17 -27.01 5.44 9.62
CA SER D 17 -26.79 5.65 8.21
C SER D 17 -25.55 4.99 7.67
N PRO D 18 -25.74 4.31 6.56
CA PRO D 18 -24.67 3.81 5.76
C PRO D 18 -24.43 4.86 4.71
N LEU D 19 -23.37 4.68 3.89
CA LEU D 19 -23.03 5.60 2.83
C LEU D 19 -24.21 5.71 1.91
N ASN D 20 -24.93 6.84 2.03
CA ASN D 20 -26.07 7.18 1.23
C ASN D 20 -26.35 8.60 1.60
N ILE D 21 -26.71 9.48 0.64
CA ILE D 21 -26.97 10.84 1.04
C ILE D 21 -28.35 10.87 1.68
N PRO D 22 -28.39 11.20 2.96
CA PRO D 22 -29.56 11.13 3.80
C PRO D 22 -30.64 12.12 3.44
N ILE D 23 -30.31 13.14 2.62
CA ILE D 23 -31.24 14.20 2.31
C ILE D 23 -32.03 13.92 1.05
N GLU D 24 -33.33 13.63 1.29
CA GLU D 24 -34.40 13.35 0.38
C GLU D 24 -34.97 14.57 -0.30
N ASP D 25 -34.95 15.76 0.38
CA ASP D 25 -35.67 16.91 -0.08
C ASP D 25 -34.72 17.69 -0.95
N ASP D 26 -35.15 18.92 -1.28
CA ASP D 26 -34.52 19.77 -2.25
C ASP D 26 -33.26 20.37 -1.72
N GLN D 27 -32.19 19.54 -1.59
CA GLN D 27 -30.93 20.12 -1.21
C GLN D 27 -29.79 19.36 -1.85
N PRO D 28 -28.90 20.14 -2.44
CA PRO D 28 -27.61 19.67 -2.85
C PRO D 28 -26.77 19.76 -1.62
N VAL D 29 -25.62 19.07 -1.52
CA VAL D 29 -24.85 19.32 -0.34
C VAL D 29 -23.77 20.31 -0.69
N LYS D 30 -23.65 21.39 0.10
CA LYS D 30 -22.62 22.37 -0.06
C LYS D 30 -21.49 21.97 0.83
N VAL D 31 -20.24 22.09 0.34
CA VAL D 31 -19.13 21.80 1.18
C VAL D 31 -18.24 23.01 1.13
N SER D 32 -17.96 23.61 2.30
CA SER D 32 -17.10 24.76 2.32
C SER D 32 -15.70 24.27 2.27
N PHE D 33 -14.83 24.98 1.51
CA PHE D 33 -13.49 24.52 1.34
C PHE D 33 -12.59 25.68 1.61
N GLU D 34 -11.52 25.44 2.40
CA GLU D 34 -10.58 26.49 2.66
C GLU D 34 -9.23 25.83 2.70
N TYR D 35 -8.17 26.58 2.36
CA TYR D 35 -6.85 26.03 2.33
C TYR D 35 -6.00 26.77 3.31
N SER D 36 -5.22 26.03 4.13
CA SER D 36 -4.26 26.69 4.96
C SER D 36 -2.95 26.23 4.43
N LEU D 37 -2.26 27.09 3.65
CA LEU D 37 -1.02 26.72 3.06
C LEU D 37 0.03 26.78 4.12
N GLN D 38 0.52 25.61 4.54
CA GLN D 38 1.55 25.50 5.54
C GLN D 38 2.91 25.78 5.02
N LYS D 39 3.28 25.20 3.85
CA LYS D 39 4.63 25.39 3.40
C LYS D 39 4.77 24.93 1.99
N ILE D 40 5.70 25.55 1.24
CA ILE D 40 6.01 25.02 -0.05
C ILE D 40 7.33 24.35 0.16
N PHE D 41 7.27 23.01 0.34
CA PHE D 41 8.43 22.24 0.68
C PHE D 41 9.44 22.18 -0.41
N ARG D 42 9.04 21.81 -1.65
CA ARG D 42 10.13 21.68 -2.58
C ARG D 42 9.69 21.97 -3.98
N ALA D 43 10.69 22.25 -4.84
CA ALA D 43 10.45 22.51 -6.24
C ALA D 43 11.37 21.61 -7.01
N ASP D 44 10.87 21.01 -8.12
CA ASP D 44 11.70 20.16 -8.93
C ASP D 44 11.68 20.70 -10.32
N VAL D 45 12.83 21.26 -10.76
CA VAL D 45 13.01 21.86 -12.04
C VAL D 45 12.95 20.87 -13.16
N GLU D 46 13.54 19.67 -13.00
CA GLU D 46 13.53 18.75 -14.10
C GLU D 46 12.15 18.20 -14.31
N ASN D 47 11.48 17.84 -13.19
CA ASN D 47 10.17 17.26 -13.15
C ASN D 47 9.08 18.28 -13.37
N ASP D 48 9.31 19.55 -12.97
CA ASP D 48 8.29 20.55 -13.02
C ASP D 48 7.17 20.19 -12.10
N GLU D 49 7.51 19.73 -10.88
CA GLU D 49 6.55 19.39 -9.89
C GLU D 49 6.86 20.20 -8.67
N VAL D 50 5.82 20.59 -7.90
CA VAL D 50 6.05 21.39 -6.73
C VAL D 50 5.33 20.72 -5.59
N ASP D 51 5.87 20.85 -4.36
CA ASP D 51 5.26 20.17 -3.23
C ASP D 51 4.68 21.17 -2.28
N ILE D 52 3.43 20.92 -1.85
CA ILE D 52 2.78 21.81 -0.93
C ILE D 52 2.41 21.02 0.28
N GLY D 53 2.62 21.62 1.47
CA GLY D 53 2.13 21.05 2.69
C GLY D 53 1.05 22.02 3.04
N LEU D 54 -0.20 21.47 3.11
CA LEU D 54 -1.49 22.13 3.22
C LEU D 54 -2.37 21.43 4.21
N TRP D 55 -3.29 22.13 4.87
CA TRP D 55 -4.34 21.31 5.41
C TRP D 55 -5.62 21.84 4.83
N THR D 56 -6.60 20.95 4.63
CA THR D 56 -7.80 21.39 3.97
C THR D 56 -8.94 21.41 4.94
N THR D 57 -9.64 22.56 5.01
CA THR D 57 -10.74 22.63 5.91
C THR D 57 -11.95 22.28 5.13
N LEU D 58 -12.69 21.26 5.61
CA LEU D 58 -13.85 20.86 4.88
C LEU D 58 -15.01 20.89 5.82
N VAL D 59 -16.13 21.54 5.43
CA VAL D 59 -17.26 21.53 6.29
C VAL D 59 -18.48 21.15 5.51
N TRP D 60 -19.38 20.34 6.12
CA TRP D 60 -20.60 19.98 5.47
C TRP D 60 -21.63 19.65 6.51
N LYS D 61 -22.91 19.66 6.10
CA LYS D 61 -23.92 19.24 7.03
C LYS D 61 -24.54 17.97 6.52
N ASP D 62 -24.66 16.97 7.41
CA ASP D 62 -25.30 15.72 7.13
C ASP D 62 -26.57 15.75 7.95
N ARG D 63 -27.60 14.99 7.53
CA ARG D 63 -28.88 14.90 8.22
C ARG D 63 -28.73 13.79 9.25
N CYS D 64 -28.95 14.07 10.53
CA CYS D 64 -28.81 12.99 11.47
C CYS D 64 -30.12 12.91 12.17
N LEU D 65 -30.44 11.76 12.79
CA LEU D 65 -31.71 11.71 13.47
C LEU D 65 -31.51 11.75 14.94
N ASN D 66 -32.40 12.48 15.64
CA ASN D 66 -32.38 12.56 17.06
C ASN D 66 -33.27 11.47 17.54
N TRP D 67 -32.82 10.70 18.53
CA TRP D 67 -33.64 9.55 18.77
C TRP D 67 -34.02 9.73 20.19
N PHE D 68 -33.12 9.21 21.05
CA PHE D 68 -33.21 9.34 22.47
C PHE D 68 -33.18 10.84 22.62
N ASN D 69 -34.06 11.39 23.49
CA ASN D 69 -34.18 12.82 23.54
C ASN D 69 -32.90 13.45 23.98
N GLU D 70 -32.45 14.46 23.22
CA GLU D 70 -31.21 15.11 23.51
C GLU D 70 -31.31 15.82 24.83
N PHE D 71 -30.49 15.38 25.80
CA PHE D 71 -30.39 16.14 27.04
C PHE D 71 -29.10 16.92 26.93
N THR D 72 -28.79 17.80 27.91
CA THR D 72 -27.53 18.51 27.82
C THR D 72 -26.44 17.49 27.93
N SER D 73 -25.74 17.29 26.81
CA SER D 73 -24.81 16.23 26.80
C SER D 73 -23.70 16.64 25.89
N PHE D 74 -22.90 15.65 25.47
CA PHE D 74 -21.72 15.88 24.70
C PHE D 74 -22.17 16.31 23.32
N LYS D 75 -21.86 17.59 22.99
CA LYS D 75 -22.24 18.33 21.81
C LYS D 75 -21.51 17.95 20.54
N GLU D 76 -20.19 17.74 20.64
CA GLU D 76 -19.45 17.32 19.50
C GLU D 76 -18.78 16.05 19.88
N LEU D 77 -18.76 15.06 18.97
CA LEU D 77 -17.86 13.98 19.27
C LEU D 77 -16.91 13.81 18.13
N THR D 78 -15.88 13.21 18.50
CA THR D 78 -14.90 13.00 17.46
C THR D 78 -14.92 11.56 17.04
N VAL D 79 -14.67 11.31 15.73
CA VAL D 79 -14.68 9.97 15.24
C VAL D 79 -13.78 9.86 14.05
N PRO D 80 -13.36 8.66 13.77
CA PRO D 80 -12.51 8.46 12.62
C PRO D 80 -13.29 8.75 11.37
N ILE D 81 -12.60 9.28 10.36
CA ILE D 81 -13.18 9.70 9.12
C ILE D 81 -13.78 8.53 8.43
N ALA D 82 -13.22 7.34 8.64
CA ALA D 82 -13.69 6.14 8.00
C ALA D 82 -15.13 5.90 8.36
N GLU D 83 -15.54 6.28 9.58
CA GLU D 83 -16.85 6.00 10.09
C GLU D 83 -17.92 6.68 9.27
N ILE D 84 -17.64 7.90 8.74
CA ILE D 84 -18.65 8.66 8.03
C ILE D 84 -18.21 9.00 6.63
N TRP D 85 -19.20 9.37 5.80
CA TRP D 85 -19.00 9.73 4.42
C TRP D 85 -18.24 11.02 4.36
N THR D 86 -17.26 11.10 3.43
CA THR D 86 -16.49 12.29 3.25
C THR D 86 -16.54 12.63 1.79
N PRO D 87 -16.38 13.87 1.45
CA PRO D 87 -16.41 14.28 0.06
C PRO D 87 -15.18 13.87 -0.69
N ASP D 88 -15.32 13.70 -2.02
CA ASP D 88 -14.36 13.27 -3.00
C ASP D 88 -13.41 14.33 -3.45
N ILE D 89 -13.32 15.50 -2.78
CA ILE D 89 -12.45 16.54 -3.27
C ILE D 89 -11.06 16.05 -3.59
N PHE D 90 -10.63 16.32 -4.84
CA PHE D 90 -9.34 15.90 -5.30
C PHE D 90 -8.67 17.01 -6.06
N ILE D 91 -7.32 16.97 -6.06
CA ILE D 91 -6.53 17.90 -6.81
C ILE D 91 -6.56 17.39 -8.22
N PHE D 92 -6.88 18.27 -9.18
CA PHE D 92 -6.99 17.84 -10.54
C PHE D 92 -5.67 17.41 -11.10
N ASP D 93 -4.58 18.14 -10.79
CA ASP D 93 -3.33 17.77 -11.42
C ASP D 93 -2.30 17.34 -10.43
N SER D 94 -2.59 16.32 -9.60
CA SER D 94 -1.55 15.86 -8.72
C SER D 94 -0.68 14.94 -9.52
N VAL D 95 0.64 15.04 -9.33
CA VAL D 95 1.57 14.15 -9.97
C VAL D 95 1.53 12.84 -9.26
N GLY D 96 1.36 12.86 -7.93
CA GLY D 96 1.40 11.62 -7.20
C GLY D 96 0.27 11.58 -6.22
N ALA D 97 0.06 10.39 -5.63
CA ALA D 97 -0.99 10.26 -4.67
C ALA D 97 -0.60 11.11 -3.52
N PRO D 98 -1.55 11.85 -3.02
CA PRO D 98 -1.26 12.71 -1.92
C PRO D 98 -1.06 11.90 -0.69
N GLU D 99 -0.20 12.36 0.24
CA GLU D 99 -0.01 11.59 1.42
C GLU D 99 -0.65 12.33 2.54
N ILE D 100 -1.04 11.60 3.62
CA ILE D 100 -1.76 12.20 4.70
C ILE D 100 -0.86 12.38 5.89
N PHE D 101 -0.70 13.66 6.32
CA PHE D 101 0.06 14.03 7.47
C PHE D 101 -0.64 13.76 8.77
N SER D 102 -1.98 13.99 8.84
CA SER D 102 -2.62 13.94 10.13
C SER D 102 -3.55 12.76 10.25
N ASP D 103 -4.02 12.52 11.50
CA ASP D 103 -4.91 11.44 11.79
C ASP D 103 -6.21 11.73 11.11
N LYS D 104 -6.94 10.67 10.69
CA LYS D 104 -8.18 10.94 10.04
C LYS D 104 -9.26 10.97 11.09
N LEU D 105 -9.51 12.16 11.65
CA LEU D 105 -10.50 12.33 12.68
C LEU D 105 -11.37 13.49 12.29
N ALA D 106 -12.70 13.39 12.54
CA ALA D 106 -13.55 14.49 12.22
C ALA D 106 -14.46 14.74 13.38
N ARG D 107 -14.71 16.04 13.67
CA ARG D 107 -15.60 16.42 14.74
C ARG D 107 -16.97 16.54 14.14
N VAL D 108 -17.99 16.01 14.83
CA VAL D 108 -19.34 16.07 14.35
C VAL D 108 -20.15 16.80 15.38
N SER D 109 -21.19 17.51 14.91
CA SER D 109 -22.02 18.28 15.79
C SER D 109 -23.42 17.77 15.66
N GLN D 110 -24.23 18.07 16.69
CA GLN D 110 -25.59 17.63 16.83
C GLN D 110 -26.44 18.12 15.69
N ASP D 111 -26.19 19.34 15.21
CA ASP D 111 -26.96 19.86 14.12
C ASP D 111 -26.69 19.05 12.90
N GLY D 112 -25.62 18.23 12.92
CA GLY D 112 -25.32 17.38 11.79
C GLY D 112 -24.08 17.89 11.14
N THR D 113 -23.60 19.08 11.55
CA THR D 113 -22.46 19.69 10.94
C THR D 113 -21.21 18.89 11.22
N VAL D 114 -20.34 18.77 10.19
CA VAL D 114 -19.13 18.01 10.37
C VAL D 114 -17.95 18.85 9.95
N THR D 115 -16.84 18.78 10.71
CA THR D 115 -15.66 19.48 10.32
C THR D 115 -14.53 18.49 10.23
N TYR D 116 -13.92 18.39 9.04
CA TYR D 116 -12.84 17.46 8.83
C TYR D 116 -11.69 18.22 8.24
N VAL D 117 -10.49 18.09 8.85
CA VAL D 117 -9.35 18.80 8.32
C VAL D 117 -8.18 17.86 8.18
N PRO D 118 -7.92 17.45 6.98
CA PRO D 118 -6.77 16.61 6.75
C PRO D 118 -5.55 17.47 6.53
N GLN D 119 -4.35 16.92 6.83
CA GLN D 119 -3.13 17.64 6.50
C GLN D 119 -2.55 16.83 5.40
N LEU D 120 -2.00 17.50 4.35
CA LEU D 120 -1.59 16.72 3.23
C LEU D 120 -0.36 17.32 2.60
N LYS D 121 0.42 16.45 1.93
CA LYS D 121 1.51 16.90 1.12
C LYS D 121 1.10 16.54 -0.26
N VAL D 122 1.15 17.49 -1.21
CA VAL D 122 0.70 17.16 -2.52
C VAL D 122 1.73 17.57 -3.51
N ARG D 123 1.90 16.74 -4.57
CA ARG D 123 2.81 17.09 -5.62
C ARG D 123 1.93 17.43 -6.78
N LEU D 124 2.13 18.63 -7.38
CA LEU D 124 1.31 19.04 -8.48
C LEU D 124 2.19 19.54 -9.58
N SER D 125 1.64 19.56 -10.81
CA SER D 125 2.43 20.03 -11.91
C SER D 125 2.54 21.51 -11.81
N CYS D 126 3.77 22.03 -11.98
CA CYS D 126 4.00 23.44 -12.00
C CYS D 126 5.45 23.73 -12.35
N PRO D 127 5.65 24.61 -13.31
CA PRO D 127 7.00 24.99 -13.63
C PRO D 127 7.56 25.97 -12.64
N LEU D 128 8.71 25.63 -12.04
CA LEU D 128 9.44 26.39 -11.06
C LEU D 128 10.23 27.50 -11.66
N ALA D 129 10.49 27.44 -12.99
CA ALA D 129 11.38 28.36 -13.64
C ALA D 129 11.07 29.79 -13.25
N ASP D 130 12.16 30.57 -13.04
CA ASP D 130 12.16 31.96 -12.66
C ASP D 130 11.69 32.15 -11.24
N LEU D 131 11.87 31.15 -10.39
CA LEU D 131 11.53 31.23 -9.00
C LEU D 131 12.42 32.26 -8.34
N LYS D 132 13.68 32.34 -8.76
CA LYS D 132 14.66 33.25 -8.23
C LYS D 132 14.37 34.68 -8.58
N LEU D 133 13.75 34.95 -9.74
CA LEU D 133 13.52 36.32 -10.15
C LEU D 133 12.57 36.98 -9.21
N GLU D 134 12.57 38.32 -9.23
CA GLU D 134 11.74 39.14 -8.40
C GLU D 134 10.31 38.87 -8.72
N THR D 135 10.02 38.66 -10.03
CA THR D 135 8.66 38.43 -10.45
C THR D 135 8.16 37.19 -9.78
N GLY D 136 8.99 36.14 -9.67
CA GLY D 136 8.58 34.94 -9.03
C GLY D 136 7.89 34.06 -10.04
N VAL D 137 7.08 33.09 -9.55
CA VAL D 137 6.44 32.19 -10.47
C VAL D 137 5.04 31.96 -9.98
N THR D 138 4.15 31.51 -10.89
CA THR D 138 2.78 31.25 -10.52
C THR D 138 2.44 29.83 -10.81
N CYS D 139 1.61 29.23 -9.94
CA CYS D 139 1.17 27.88 -10.12
C CYS D 139 -0.28 27.86 -9.79
N SER D 140 -1.02 26.90 -10.37
CA SER D 140 -2.41 26.79 -10.04
C SER D 140 -2.75 25.34 -9.99
N LEU D 141 -3.64 24.96 -9.06
CA LEU D 141 -4.14 23.63 -8.98
C LEU D 141 -5.59 23.78 -8.65
N LYS D 142 -6.46 22.88 -9.16
CA LYS D 142 -7.85 23.06 -8.91
C LYS D 142 -8.32 21.92 -8.06
N SER D 143 -9.14 22.21 -7.03
CA SER D 143 -9.64 21.13 -6.24
C SER D 143 -11.11 21.12 -6.44
N GLY D 144 -11.73 19.93 -6.39
CA GLY D 144 -13.16 19.87 -6.58
C GLY D 144 -13.52 18.41 -6.66
N SER D 145 -14.82 18.13 -6.49
CA SER D 145 -15.34 16.80 -6.50
C SER D 145 -15.04 16.19 -7.83
N TRP D 146 -14.56 14.93 -7.85
CA TRP D 146 -14.28 14.35 -9.12
C TRP D 146 -15.56 14.03 -9.85
N THR D 147 -16.44 13.24 -9.20
CA THR D 147 -17.68 12.76 -9.76
C THR D 147 -18.83 13.73 -9.72
N HIS D 148 -19.00 14.46 -8.60
CA HIS D 148 -20.17 15.28 -8.37
C HIS D 148 -20.21 16.50 -9.23
N SER D 149 -21.41 16.76 -9.81
CA SER D 149 -21.64 17.96 -10.57
C SER D 149 -22.06 19.00 -9.58
N THR D 150 -22.23 20.24 -10.08
CA THR D 150 -22.62 21.34 -9.26
C THR D 150 -23.95 21.03 -8.66
N GLN D 151 -24.80 20.27 -9.36
CA GLN D 151 -26.09 19.97 -8.79
C GLN D 151 -25.94 19.13 -7.55
N GLU D 152 -25.07 18.09 -7.56
CA GLU D 152 -24.92 17.27 -6.39
C GLU D 152 -24.15 17.94 -5.30
N LEU D 153 -22.98 18.53 -5.63
CA LEU D 153 -22.17 19.13 -4.60
C LEU D 153 -21.87 20.54 -4.97
N THR D 154 -22.08 21.47 -4.02
CA THR D 154 -21.78 22.84 -4.29
C THR D 154 -20.61 23.19 -3.42
N LEU D 155 -19.59 23.86 -3.99
CA LEU D 155 -18.43 24.18 -3.21
C LEU D 155 -18.47 25.64 -2.89
N GLU D 156 -18.07 26.00 -1.65
CA GLU D 156 -18.09 27.37 -1.24
C GLU D 156 -16.80 27.69 -0.54
N VAL D 157 -16.39 28.98 -0.56
CA VAL D 157 -15.20 29.40 0.13
C VAL D 157 -15.50 30.65 0.91
N ASN D 158 -14.96 30.74 2.14
CA ASN D 158 -15.11 31.91 2.95
C ASN D 158 -14.18 33.01 2.51
N ALA D 159 -12.91 32.66 2.20
CA ALA D 159 -11.91 33.68 1.92
C ALA D 159 -10.93 33.16 0.90
N LYS D 160 -9.94 34.00 0.52
CA LYS D 160 -8.94 33.74 -0.49
C LYS D 160 -7.93 32.62 -0.20
N VAL D 161 -7.00 32.73 0.81
CA VAL D 161 -6.05 31.68 1.23
C VAL D 161 -5.46 32.06 2.56
N ASP D 162 -5.22 31.07 3.47
CA ASP D 162 -4.73 31.33 4.81
C ASP D 162 -3.24 31.22 4.88
N LEU D 163 -2.57 32.38 4.89
CA LEU D 163 -1.15 32.58 4.99
C LEU D 163 -0.62 32.52 6.40
N GLY D 164 -1.48 32.76 7.42
CA GLY D 164 -1.02 32.98 8.76
C GLY D 164 -0.18 31.86 9.29
N ASP D 165 -0.58 30.61 9.01
CA ASP D 165 0.07 29.41 9.45
C ASP D 165 1.36 29.20 8.74
N TYR D 166 1.56 29.87 7.58
CA TYR D 166 2.69 29.65 6.72
C TYR D 166 3.97 29.72 7.51
N ALA D 167 4.87 28.75 7.28
CA ALA D 167 6.10 28.65 8.03
C ALA D 167 6.94 29.86 7.75
N SER D 168 7.48 30.43 8.84
CA SER D 168 8.23 31.65 8.78
C SER D 168 9.46 31.48 7.96
N ASP D 169 10.26 30.43 8.21
CA ASP D 169 11.48 30.34 7.46
C ASP D 169 11.33 29.27 6.44
N THR D 170 10.34 29.43 5.54
CA THR D 170 10.17 28.47 4.49
C THR D 170 11.14 28.83 3.43
N ARG D 171 11.48 27.84 2.58
CA ARG D 171 12.40 28.04 1.51
C ARG D 171 11.81 29.07 0.59
N PHE D 172 10.47 29.08 0.42
CA PHE D 172 9.93 29.99 -0.55
C PHE D 172 8.97 30.94 0.13
N GLN D 173 9.05 32.22 -0.26
CA GLN D 173 8.20 33.28 0.22
C GLN D 173 6.94 33.26 -0.57
N LEU D 174 5.83 33.69 0.05
CA LEU D 174 4.53 33.67 -0.56
C LEU D 174 4.18 35.04 -1.05
N LEU D 175 4.10 35.22 -2.39
CA LEU D 175 3.67 36.46 -2.98
C LEU D 175 2.20 36.64 -2.76
N ASN D 176 1.39 35.60 -3.09
CA ASN D 176 -0.02 35.72 -2.88
C ASN D 176 -0.68 34.37 -3.06
N ALA D 177 -1.60 34.04 -2.13
CA ALA D 177 -2.28 32.78 -2.21
C ALA D 177 -3.72 33.08 -2.43
N THR D 178 -4.32 32.48 -3.48
CA THR D 178 -5.68 32.80 -3.77
C THR D 178 -6.46 31.53 -3.96
N GLN D 179 -7.76 31.55 -3.60
CA GLN D 179 -8.64 30.44 -3.82
C GLN D 179 -9.86 30.99 -4.48
N GLN D 180 -9.93 30.91 -5.82
CA GLN D 180 -11.10 31.46 -6.43
C GLN D 180 -11.96 30.31 -6.85
N VAL D 181 -13.27 30.45 -6.62
CA VAL D 181 -14.19 29.40 -6.97
C VAL D 181 -14.59 29.58 -8.39
N ASN D 182 -14.66 28.47 -9.14
CA ASN D 182 -15.11 28.58 -10.49
C ASN D 182 -15.88 27.35 -10.86
N ARG D 183 -16.75 27.47 -11.87
CA ARG D 183 -17.52 26.36 -12.34
C ARG D 183 -17.12 26.17 -13.76
N LYS D 184 -16.94 24.90 -14.19
CA LYS D 184 -16.61 24.72 -15.57
C LYS D 184 -17.21 23.45 -16.09
N GLN D 185 -17.05 23.18 -17.40
CA GLN D 185 -17.70 22.03 -17.96
C GLN D 185 -16.71 21.09 -18.57
N TYR D 186 -17.15 19.83 -18.75
CA TYR D 186 -16.32 18.81 -19.33
C TYR D 186 -17.09 18.20 -20.46
N PRO D 187 -16.39 17.59 -21.37
CA PRO D 187 -17.04 17.00 -22.51
C PRO D 187 -17.91 15.84 -22.16
N CYS D 188 -17.66 15.17 -21.03
CA CYS D 188 -18.44 14.02 -20.67
C CYS D 188 -19.85 14.42 -20.39
N CYS D 189 -20.02 15.60 -19.77
CA CYS D 189 -21.31 15.81 -19.20
C CYS D 189 -21.76 17.23 -19.39
N PRO D 190 -23.04 17.38 -19.56
CA PRO D 190 -23.69 18.65 -19.73
C PRO D 190 -23.73 19.48 -18.48
N GLU D 191 -23.50 18.86 -17.30
CA GLU D 191 -23.65 19.54 -16.05
C GLU D 191 -22.45 20.36 -15.74
N THR D 192 -22.63 21.45 -14.95
CA THR D 192 -21.54 22.27 -14.54
C THR D 192 -20.88 21.63 -13.37
N TYR D 193 -19.53 21.73 -13.29
CA TYR D 193 -18.80 21.17 -12.18
C TYR D 193 -18.09 22.31 -11.54
N GLU D 194 -18.05 22.33 -10.19
CA GLU D 194 -17.42 23.44 -9.53
C GLU D 194 -16.16 23.00 -8.86
N ASP D 195 -15.11 23.85 -8.97
CA ASP D 195 -13.83 23.57 -8.38
C ASP D 195 -13.26 24.83 -7.79
N THR D 196 -12.31 24.68 -6.86
CA THR D 196 -11.67 25.83 -6.29
C THR D 196 -10.27 25.85 -6.81
N THR D 197 -9.91 26.93 -7.53
CA THR D 197 -8.59 26.95 -8.10
C THR D 197 -7.69 27.67 -7.15
N LEU D 198 -6.64 26.96 -6.70
CA LEU D 198 -5.73 27.59 -5.79
C LEU D 198 -4.60 28.09 -6.63
N SER D 199 -4.41 29.43 -6.66
CA SER D 199 -3.36 30.00 -7.44
C SER D 199 -2.37 30.55 -6.46
N PHE D 200 -1.13 30.01 -6.51
CA PHE D 200 -0.18 30.44 -5.54
C PHE D 200 0.96 31.10 -6.26
N THR D 201 1.34 32.31 -5.82
CA THR D 201 2.45 32.96 -6.41
C THR D 201 3.51 33.01 -5.38
N PHE D 202 4.70 32.46 -5.70
CA PHE D 202 5.75 32.41 -4.71
C PHE D 202 7.08 32.54 -5.35
N ARG D 203 8.08 32.93 -4.55
CA ARG D 203 9.42 33.00 -5.02
C ARG D 203 10.30 32.64 -3.87
N LYS D 204 11.59 32.38 -4.13
CA LYS D 204 12.52 32.06 -3.09
C LYS D 204 12.90 33.34 -2.41
N PRO D 205 12.95 33.29 -1.11
CA PRO D 205 13.34 34.45 -0.37
C PRO D 205 14.83 34.55 -0.33
N SER E 1 -30.16 15.91 0.80
CA SER E 1 -30.15 16.12 -0.66
C SER E 1 -31.53 15.98 -1.20
N ARG E 2 -31.65 15.52 -2.46
CA ARG E 2 -32.95 15.34 -3.03
C ARG E 2 -33.32 13.92 -2.75
N ARG E 3 -34.56 13.72 -2.25
CA ARG E 3 -35.04 12.40 -1.91
C ARG E 3 -35.19 11.59 -3.15
N SER E 4 -35.62 12.23 -4.27
CA SER E 4 -35.86 11.54 -5.50
C SER E 4 -34.57 10.94 -5.99
N ARG E 5 -33.47 11.70 -5.91
CA ARG E 5 -32.17 11.24 -6.32
C ARG E 5 -31.75 10.13 -5.40
N SER E 6 -32.10 10.26 -4.12
CA SER E 6 -31.70 9.33 -3.11
C SER E 6 -32.18 7.96 -3.44
N GLU E 7 -33.46 7.84 -3.86
CA GLU E 7 -34.01 6.56 -4.12
C GLU E 7 -33.28 5.93 -5.27
N ILE E 8 -32.86 6.75 -6.26
CA ILE E 8 -32.26 6.26 -7.46
C ILE E 8 -30.99 5.52 -7.16
N LEU E 9 -30.08 6.14 -6.39
CA LEU E 9 -28.81 5.51 -6.17
C LEU E 9 -29.01 4.22 -5.42
N GLN E 10 -29.86 4.25 -4.37
CA GLN E 10 -30.04 3.10 -3.54
C GLN E 10 -30.63 1.98 -4.34
N ASP E 11 -31.60 2.29 -5.22
CA ASP E 11 -32.21 1.21 -5.95
C ASP E 11 -31.22 0.54 -6.85
N VAL E 12 -30.38 1.32 -7.55
CA VAL E 12 -29.42 0.76 -8.46
C VAL E 12 -28.34 0.03 -7.71
N LEU E 13 -27.82 0.64 -6.62
CA LEU E 13 -26.75 0.10 -5.82
C LEU E 13 -27.17 -1.05 -4.95
N SER E 14 -28.32 -0.94 -4.26
CA SER E 14 -28.74 -1.92 -3.29
C SER E 14 -29.41 -3.14 -3.86
N ARG E 15 -30.27 -2.92 -4.90
CA ARG E 15 -31.12 -3.87 -5.61
C ARG E 15 -30.61 -4.21 -6.99
N CYS E 16 -30.47 -3.22 -7.91
CA CYS E 16 -30.25 -3.49 -9.32
C CYS E 16 -28.97 -4.20 -9.68
N SER E 17 -27.29 -5.23 -8.94
CA SER E 17 -26.25 -6.02 -9.58
C SER E 17 -24.95 -6.03 -8.84
N PRO E 18 -24.42 -7.23 -8.70
CA PRO E 18 -23.08 -7.45 -8.24
C PRO E 18 -22.25 -7.59 -9.49
N LEU E 19 -20.91 -7.68 -9.33
CA LEU E 19 -19.99 -7.82 -10.43
C LEU E 19 -20.38 -9.05 -11.19
N ASN E 20 -21.02 -8.83 -12.36
CA ASN E 20 -21.44 -9.85 -13.27
C ASN E 20 -21.87 -9.09 -14.48
N ILE E 21 -21.57 -9.55 -15.71
CA ILE E 21 -22.02 -8.79 -16.85
C ILE E 21 -23.51 -9.06 -17.03
N PRO E 22 -24.31 -8.03 -16.86
CA PRO E 22 -25.75 -8.11 -16.83
C PRO E 22 -26.39 -8.47 -18.14
N ILE E 23 -25.63 -8.42 -19.26
CA ILE E 23 -26.17 -8.65 -20.57
C ILE E 23 -26.04 -10.08 -21.01
N GLU E 24 -27.22 -10.74 -21.03
CA GLU E 24 -27.51 -12.10 -21.41
C GLU E 24 -27.54 -12.33 -22.90
N ASP E 25 -27.94 -11.29 -23.70
CA ASP E 25 -28.23 -11.48 -25.09
C ASP E 25 -26.94 -11.22 -25.83
N ASP E 26 -27.09 -11.11 -27.18
CA ASP E 26 -25.99 -11.07 -28.10
C ASP E 26 -25.31 -9.74 -28.08
N GLN E 27 -24.54 -9.46 -27.00
CA GLN E 27 -23.77 -8.24 -27.01
C GLN E 27 -22.48 -8.43 -26.26
N PRO E 28 -21.41 -8.00 -26.92
CA PRO E 28 -20.13 -7.82 -26.29
C PRO E 28 -20.22 -6.46 -25.67
N VAL E 29 -19.37 -6.08 -24.71
CA VAL E 29 -19.47 -4.72 -24.28
C VAL E 29 -18.39 -3.93 -24.98
N LYS E 30 -18.78 -2.81 -25.62
CA LYS E 30 -17.85 -1.92 -26.26
C LYS E 30 -17.50 -0.87 -25.26
N VAL E 31 -16.21 -0.49 -25.20
CA VAL E 31 -15.83 0.57 -24.31
C VAL E 31 -15.10 1.56 -25.16
N SER E 32 -15.58 2.82 -25.18
CA SER E 32 -14.91 3.83 -25.96
C SER E 32 -13.77 4.32 -25.14
N PHE E 33 -12.62 4.57 -25.81
CA PHE E 33 -11.45 4.97 -25.08
C PHE E 33 -10.90 6.18 -25.77
N GLU E 34 -10.53 7.20 -24.97
CA GLU E 34 -9.93 8.38 -25.52
C GLU E 34 -8.89 8.83 -24.55
N TYR E 35 -7.84 9.50 -25.04
CA TYR E 35 -6.77 9.94 -24.19
C TYR E 35 -6.68 11.43 -24.25
N SER E 36 -6.57 12.08 -23.09
CA SER E 36 -6.31 13.49 -23.10
C SER E 36 -4.94 13.62 -22.51
N LEU E 37 -3.93 13.82 -23.37
CA LEU E 37 -2.58 13.91 -22.90
C LEU E 37 -2.39 15.25 -22.28
N GLN E 38 -2.26 15.27 -20.94
CA GLN E 38 -2.05 16.48 -20.19
C GLN E 38 -0.65 16.97 -20.24
N LYS E 39 0.36 16.07 -20.05
CA LYS E 39 1.70 16.58 -20.00
C LYS E 39 2.67 15.43 -20.07
N ILE E 40 3.86 15.69 -20.62
CA ILE E 40 4.90 14.70 -20.54
C ILE E 40 5.81 15.25 -19.50
N PHE E 41 5.65 14.74 -18.26
CA PHE E 41 6.36 15.24 -17.12
C PHE E 41 7.83 14.98 -17.18
N ARG E 42 8.26 13.72 -17.42
CA ARG E 42 9.69 13.59 -17.33
C ARG E 42 10.19 12.51 -18.23
N ALA E 43 11.51 12.56 -18.50
CA ALA E 43 12.16 11.57 -19.30
C ALA E 43 13.36 11.10 -18.53
N ASP E 44 13.64 9.78 -18.55
CA ASP E 44 14.78 9.27 -17.85
C ASP E 44 15.62 8.52 -18.84
N VAL E 45 16.80 9.08 -19.17
CA VAL E 45 17.72 8.55 -20.13
C VAL E 45 18.35 7.27 -19.67
N GLU E 46 18.72 7.16 -18.38
CA GLU E 46 19.38 5.95 -17.96
C GLU E 46 18.41 4.80 -17.94
N ASN E 47 17.19 5.06 -17.41
CA ASN E 47 16.13 4.12 -17.24
C ASN E 47 15.40 3.84 -18.53
N ASP E 48 15.35 4.84 -19.44
CA ASP E 48 14.57 4.71 -20.66
C ASP E 48 13.12 4.59 -20.30
N GLU E 49 12.64 5.43 -19.36
CA GLU E 49 11.27 5.46 -18.97
C GLU E 49 10.78 6.86 -19.16
N VAL E 50 9.49 7.02 -19.52
CA VAL E 50 8.97 8.34 -19.74
C VAL E 50 7.70 8.46 -18.93
N ASP E 51 7.38 9.67 -18.44
CA ASP E 51 6.21 9.83 -17.60
C ASP E 51 5.17 10.65 -18.31
N ILE E 52 3.92 10.16 -18.28
CA ILE E 52 2.85 10.88 -18.92
C ILE E 52 1.82 11.17 -17.88
N GLY E 53 1.26 12.39 -17.92
CA GLY E 53 0.13 12.72 -17.11
C GLY E 53 -0.94 12.84 -18.14
N LEU E 54 -1.98 11.96 -17.98
CA LEU E 54 -3.07 11.65 -18.90
C LEU E 54 -4.36 11.55 -18.16
N TRP E 55 -5.50 11.85 -18.81
CA TRP E 55 -6.65 11.29 -18.18
C TRP E 55 -7.33 10.44 -19.21
N THR E 56 -7.98 9.35 -18.78
CA THR E 56 -8.53 8.45 -19.75
C THR E 56 -10.03 8.53 -19.74
N THR E 57 -10.62 8.73 -20.92
CA THR E 57 -12.05 8.81 -20.98
C THR E 57 -12.53 7.45 -21.28
N LEU E 58 -13.42 6.92 -20.43
CA LEU E 58 -13.90 5.59 -20.65
C LEU E 58 -15.39 5.65 -20.66
N VAL E 59 -16.04 5.05 -21.70
CA VAL E 59 -17.46 5.06 -21.69
C VAL E 59 -17.96 3.67 -21.99
N TRP E 60 -19.04 3.26 -21.30
CA TRP E 60 -19.61 1.97 -21.54
C TRP E 60 -21.07 2.00 -21.18
N LYS E 61 -21.84 1.02 -21.69
CA LYS E 61 -23.21 0.95 -21.27
C LYS E 61 -23.40 -0.34 -20.51
N ASP E 62 -24.04 -0.22 -19.32
CA ASP E 62 -24.38 -1.34 -18.49
C ASP E 62 -25.88 -1.44 -18.58
N ARG E 63 -26.45 -2.64 -18.35
CA ARG E 63 -27.89 -2.87 -18.37
C ARG E 63 -28.39 -2.59 -16.97
N CYS E 64 -29.35 -1.66 -16.82
CA CYS E 64 -29.81 -1.43 -15.48
C CYS E 64 -31.27 -1.68 -15.53
N LEU E 65 -31.91 -1.93 -14.37
CA LEU E 65 -33.33 -2.17 -14.43
C LEU E 65 -34.07 -1.00 -13.88
N ASN E 66 -35.20 -0.65 -14.53
CA ASN E 66 -36.04 0.41 -14.08
C ASN E 66 -37.04 -0.24 -13.18
N TRP E 67 -37.29 0.35 -12.01
CA TRP E 67 -38.10 -0.45 -11.14
C TRP E 67 -39.26 0.43 -10.88
N PHE E 68 -39.06 1.28 -9.86
CA PHE E 68 -39.99 2.30 -9.48
C PHE E 68 -40.06 3.11 -10.74
N ASN E 69 -41.28 3.51 -11.16
CA ASN E 69 -41.41 4.14 -12.46
C ASN E 69 -40.66 5.42 -12.49
N GLU E 70 -39.83 5.59 -13.54
CA GLU E 70 -39.02 6.77 -13.66
C GLU E 70 -39.90 7.97 -13.84
N PHE E 71 -39.85 8.90 -12.86
CA PHE E 71 -40.50 10.17 -13.06
C PHE E 71 -39.41 11.14 -13.42
N THR E 72 -39.76 12.41 -13.77
CA THR E 72 -38.71 13.36 -14.07
C THR E 72 -37.91 13.55 -12.82
N SER E 73 -36.68 13.04 -12.86
CA SER E 73 -35.93 13.04 -11.66
C SER E 73 -34.50 13.20 -12.04
N PHE E 74 -33.61 12.87 -11.08
CA PHE E 74 -32.20 13.07 -11.25
C PHE E 74 -31.72 12.05 -12.25
N LYS E 75 -31.27 12.57 -13.42
CA LYS E 75 -30.86 11.88 -14.61
C LYS E 75 -29.50 11.20 -14.53
N GLU E 76 -28.51 11.87 -13.93
CA GLU E 76 -27.23 11.27 -13.77
C GLU E 76 -26.93 11.32 -12.32
N LEU E 77 -26.37 10.23 -11.76
CA LEU E 77 -25.85 10.43 -10.45
C LEU E 77 -24.39 10.05 -10.44
N THR E 78 -23.80 10.60 -9.48
CA THR E 78 -22.40 10.29 -9.39
C THR E 78 -22.16 9.32 -8.28
N VAL E 79 -21.17 8.42 -8.46
CA VAL E 79 -20.88 7.44 -7.45
C VAL E 79 -19.45 7.04 -7.53
N PRO E 80 -18.94 6.52 -6.44
CA PRO E 80 -17.58 6.08 -6.45
C PRO E 80 -17.43 4.91 -7.38
N ILE E 81 -16.27 4.81 -8.02
CA ILE E 81 -15.98 3.82 -9.01
C ILE E 81 -16.04 2.46 -8.40
N ALA E 82 -15.73 2.36 -7.10
CA ALA E 82 -15.71 1.11 -6.41
C ALA E 82 -17.08 0.48 -6.47
N GLU E 83 -18.14 1.29 -6.47
CA GLU E 83 -19.49 0.82 -6.41
C GLU E 83 -19.85 -0.01 -7.61
N ILE E 84 -19.30 0.31 -8.81
CA ILE E 84 -19.67 -0.38 -10.02
C ILE E 84 -18.47 -0.97 -10.71
N TRP E 85 -18.74 -1.92 -11.62
CA TRP E 85 -17.75 -2.62 -12.38
C TRP E 85 -17.10 -1.67 -13.34
N THR E 86 -15.76 -1.75 -13.47
CA THR E 86 -15.04 -0.92 -14.37
C THR E 86 -14.18 -1.82 -15.23
N PRO E 87 -13.85 -1.41 -16.41
CA PRO E 87 -13.03 -2.21 -17.28
C PRO E 87 -11.59 -2.27 -16.84
N ASP E 88 -10.90 -3.37 -17.21
CA ASP E 88 -9.54 -3.74 -16.92
C ASP E 88 -8.51 -3.06 -17.76
N ILE E 89 -8.85 -2.00 -18.53
CA ILE E 89 -7.85 -1.40 -19.38
C ILE E 89 -6.56 -1.11 -18.68
N PHE E 90 -5.45 -1.63 -19.24
CA PHE E 90 -4.14 -1.45 -18.68
C PHE E 90 -3.14 -1.13 -19.74
N ILE E 91 -2.07 -0.42 -19.34
CA ILE E 91 -0.99 -0.10 -20.21
C ILE E 91 -0.17 -1.33 -20.28
N PHE E 92 0.18 -1.78 -21.50
CA PHE E 92 0.91 -3.00 -21.64
C PHE E 92 2.30 -2.88 -21.10
N ASP E 93 2.98 -1.73 -21.32
CA ASP E 93 4.35 -1.68 -20.87
C ASP E 93 4.57 -0.63 -19.83
N SER E 94 3.83 -0.66 -18.71
CA SER E 94 4.12 0.30 -17.70
C SER E 94 5.29 -0.22 -16.92
N VAL E 95 6.23 0.67 -16.56
CA VAL E 95 7.35 0.32 -15.74
C VAL E 95 6.89 0.18 -14.33
N GLY E 96 5.94 1.04 -13.92
CA GLY E 96 5.52 1.01 -12.55
C GLY E 96 4.04 1.07 -12.46
N ALA E 97 3.50 0.83 -11.26
CA ALA E 97 2.09 0.89 -11.08
C ALA E 97 1.70 2.30 -11.32
N PRO E 98 0.64 2.49 -12.07
CA PRO E 98 0.21 3.82 -12.34
C PRO E 98 -0.38 4.41 -11.11
N GLU E 99 -0.25 5.74 -10.95
CA GLU E 99 -0.83 6.33 -9.77
C GLU E 99 -2.02 7.12 -10.21
N ILE E 100 -2.98 7.33 -9.28
CA ILE E 100 -4.21 7.98 -9.62
C ILE E 100 -4.22 9.39 -9.10
N PHE E 101 -4.35 10.37 -10.03
CA PHE E 101 -4.45 11.77 -9.73
C PHE E 101 -5.79 12.18 -9.21
N SER E 102 -6.89 11.63 -9.76
CA SER E 102 -8.19 12.15 -9.43
C SER E 102 -9.01 11.21 -8.61
N ASP E 103 -10.14 11.71 -8.07
CA ASP E 103 -11.02 10.95 -7.25
C ASP E 103 -11.64 9.91 -8.13
N LYS E 104 -11.97 8.73 -7.54
CA LYS E 104 -12.57 7.72 -8.37
C LYS E 104 -14.05 7.89 -8.32
N LEU E 105 -14.59 8.71 -9.24
CA LEU E 105 -16.00 8.98 -9.29
C LEU E 105 -16.46 8.77 -10.71
N ALA E 106 -17.66 8.18 -10.90
CA ALA E 106 -18.14 8.01 -12.24
C ALA E 106 -19.56 8.44 -12.30
N ARG E 107 -19.94 9.13 -13.41
CA ARG E 107 -21.29 9.57 -13.61
C ARG E 107 -22.01 8.46 -14.33
N VAL E 108 -23.24 8.16 -13.89
CA VAL E 108 -24.03 7.12 -14.50
C VAL E 108 -25.29 7.74 -15.01
N SER E 109 -25.83 7.18 -16.10
CA SER E 109 -27.02 7.71 -16.69
C SER E 109 -28.05 6.63 -16.69
N GLN E 110 -29.32 7.06 -16.81
CA GLN E 110 -30.50 6.23 -16.75
C GLN E 110 -30.47 5.20 -17.82
N ASP E 111 -29.98 5.55 -19.02
CA ASP E 111 -29.93 4.61 -20.10
C ASP E 111 -28.97 3.52 -19.74
N GLY E 112 -28.13 3.73 -18.70
CA GLY E 112 -27.22 2.71 -18.28
C GLY E 112 -25.83 3.14 -18.61
N THR E 113 -25.70 4.24 -19.39
CA THR E 113 -24.42 4.70 -19.84
C THR E 113 -23.60 5.20 -18.68
N VAL E 114 -22.28 4.88 -18.69
CA VAL E 114 -21.44 5.32 -17.61
C VAL E 114 -20.24 6.04 -18.19
N THR E 115 -19.82 7.14 -17.53
CA THR E 115 -18.65 7.83 -17.96
C THR E 115 -17.69 7.91 -16.79
N TYR E 116 -16.48 7.35 -16.95
CA TYR E 116 -15.50 7.36 -15.91
C TYR E 116 -14.23 7.92 -16.47
N VAL E 117 -13.64 8.93 -15.80
CA VAL E 117 -12.42 9.49 -16.30
C VAL E 117 -11.41 9.60 -15.19
N PRO E 118 -10.47 8.69 -15.18
CA PRO E 118 -9.42 8.77 -14.21
C PRO E 118 -8.31 9.66 -14.69
N GLN E 119 -7.54 10.27 -13.77
CA GLN E 119 -6.38 11.01 -14.18
C GLN E 119 -5.24 10.19 -13.70
N LEU E 120 -4.17 10.04 -14.52
CA LEU E 120 -3.16 9.11 -14.12
C LEU E 120 -1.81 9.60 -14.53
N LYS E 121 -0.78 9.15 -13.79
CA LYS E 121 0.57 9.38 -14.18
C LYS E 121 1.09 8.01 -14.47
N VAL E 122 1.70 7.81 -15.66
CA VAL E 122 2.15 6.49 -15.95
C VAL E 122 3.57 6.53 -16.39
N ARG E 123 4.33 5.50 -15.99
CA ARG E 123 5.70 5.40 -16.43
C ARG E 123 5.71 4.26 -17.40
N LEU E 124 6.23 4.51 -18.62
CA LEU E 124 6.26 3.47 -19.61
C LEU E 124 7.62 3.41 -20.22
N SER E 125 7.94 2.25 -20.83
CA SER E 125 9.23 2.11 -21.43
C SER E 125 9.26 2.92 -22.69
N CYS E 126 10.35 3.70 -22.86
CA CYS E 126 10.55 4.46 -24.05
C CYS E 126 11.91 5.13 -24.02
N PRO E 127 12.66 4.96 -25.10
CA PRO E 127 13.92 5.63 -25.17
C PRO E 127 13.77 7.09 -25.53
N LEU E 128 14.32 7.98 -24.68
CA LEU E 128 14.30 9.41 -24.80
C LEU E 128 15.31 9.91 -25.77
N ALA E 129 16.31 9.09 -26.14
CA ALA E 129 17.41 9.54 -26.94
C ALA E 129 16.94 10.30 -28.15
N ASP E 130 17.69 11.39 -28.46
CA ASP E 130 17.46 12.30 -29.55
C ASP E 130 16.23 13.14 -29.35
N LEU E 131 15.84 13.38 -28.09
CA LEU E 131 14.73 14.21 -27.75
C LEU E 131 15.04 15.63 -28.18
N LYS E 132 16.30 16.04 -28.05
CA LYS E 132 16.75 17.37 -28.39
C LYS E 132 16.74 17.63 -29.86
N LEU E 133 16.96 16.60 -30.70
CA LEU E 133 17.03 16.80 -32.13
C LEU E 133 15.70 17.27 -32.64
N GLU E 134 15.73 17.86 -33.84
CA GLU E 134 14.56 18.40 -34.49
C GLU E 134 13.63 17.26 -34.78
N THR E 135 14.18 16.09 -35.15
CA THR E 135 13.36 14.95 -35.48
C THR E 135 12.55 14.59 -34.28
N GLY E 136 13.14 14.63 -33.07
CA GLY E 136 12.41 14.31 -31.89
C GLY E 136 12.48 12.83 -31.67
N VAL E 137 11.54 12.29 -30.86
CA VAL E 137 11.58 10.88 -30.57
C VAL E 137 10.18 10.36 -30.58
N THR E 138 10.02 9.03 -30.77
CA THR E 138 8.71 8.45 -30.78
C THR E 138 8.61 7.39 -29.73
N CYS E 139 7.42 7.29 -29.11
CA CYS E 139 7.18 6.30 -28.10
C CYS E 139 5.82 5.75 -28.38
N SER E 140 5.57 4.50 -27.94
CA SER E 140 4.28 3.93 -28.12
C SER E 140 3.97 3.12 -26.90
N LEU E 141 2.69 3.12 -26.48
CA LEU E 141 2.25 2.30 -25.41
C LEU E 141 0.89 1.82 -25.84
N LYS E 142 0.51 0.57 -25.47
CA LYS E 142 -0.75 0.09 -25.93
C LYS E 142 -1.64 -0.08 -24.74
N SER E 143 -2.92 0.34 -24.85
CA SER E 143 -3.80 0.12 -23.74
C SER E 143 -4.84 -0.81 -24.22
N GLY E 144 -5.37 -1.66 -23.32
CA GLY E 144 -6.38 -2.59 -23.73
C GLY E 144 -6.64 -3.50 -22.58
N SER E 145 -7.77 -4.22 -22.64
CA SER E 145 -8.19 -5.12 -21.61
C SER E 145 -7.13 -6.18 -21.47
N TRP E 146 -6.75 -6.51 -20.22
CA TRP E 146 -5.75 -7.53 -20.07
C TRP E 146 -6.33 -8.88 -20.43
N THR E 147 -7.43 -9.25 -19.74
CA THR E 147 -8.08 -10.54 -19.86
C THR E 147 -9.01 -10.68 -21.03
N HIS E 148 -9.82 -9.65 -21.32
CA HIS E 148 -10.89 -9.73 -22.29
C HIS E 148 -10.39 -9.80 -23.70
N SER E 149 -10.99 -10.73 -24.47
CA SER E 149 -10.71 -10.85 -25.87
C SER E 149 -11.64 -9.90 -26.57
N THR E 150 -11.48 -9.77 -27.90
CA THR E 150 -12.27 -8.89 -28.69
C THR E 150 -13.70 -9.32 -28.56
N GLN E 151 -13.95 -10.63 -28.39
CA GLN E 151 -15.32 -11.06 -28.27
C GLN E 151 -15.96 -10.50 -27.04
N GLU E 152 -15.26 -10.51 -25.88
CA GLU E 152 -15.86 -9.98 -24.67
C GLU E 152 -15.90 -8.48 -24.66
N LEU E 153 -14.77 -7.81 -24.98
CA LEU E 153 -14.74 -6.39 -24.90
C LEU E 153 -14.28 -5.84 -26.21
N THR E 154 -15.02 -4.85 -26.74
CA THR E 154 -14.62 -4.24 -27.97
C THR E 154 -14.22 -2.83 -27.63
N LEU E 155 -13.05 -2.38 -28.15
CA LEU E 155 -12.61 -1.06 -27.83
C LEU E 155 -12.83 -0.18 -29.02
N GLU E 156 -13.27 1.07 -28.78
CA GLU E 156 -13.53 1.98 -29.86
C GLU E 156 -12.92 3.32 -29.52
N VAL E 157 -12.58 4.12 -30.56
CA VAL E 157 -12.05 5.43 -30.35
C VAL E 157 -12.76 6.40 -31.25
N ASN E 158 -13.08 7.61 -30.73
CA ASN E 158 -13.69 8.63 -31.52
C ASN E 158 -12.68 9.33 -32.39
N ALA E 159 -11.48 9.63 -31.84
CA ALA E 159 -10.51 10.44 -32.56
C ALA E 159 -9.11 10.00 -32.20
N LYS E 160 -8.10 10.67 -32.81
CA LYS E 160 -6.69 10.36 -32.66
C LYS E 160 -6.07 10.60 -31.27
N VAL E 161 -5.95 11.86 -30.74
CA VAL E 161 -5.44 12.18 -29.39
C VAL E 161 -5.79 13.62 -29.08
N ASP E 162 -6.15 13.94 -27.80
CA ASP E 162 -6.58 15.27 -27.40
C ASP E 162 -5.43 16.07 -26.85
N LEU E 163 -4.90 16.97 -27.69
CA LEU E 163 -3.83 17.90 -27.44
C LEU E 163 -4.27 19.15 -26.73
N GLY E 164 -5.57 19.51 -26.81
CA GLY E 164 -6.02 20.81 -26.39
C GLY E 164 -5.68 21.13 -24.97
N ASP E 165 -5.83 20.13 -24.07
CA ASP E 165 -5.58 20.24 -22.66
C ASP E 165 -4.12 20.34 -22.37
N TYR E 166 -3.26 19.93 -23.33
CA TYR E 166 -1.84 19.83 -23.12
C TYR E 166 -1.31 21.12 -22.54
N ALA E 167 -0.45 20.99 -21.51
CA ALA E 167 0.07 22.13 -20.80
C ALA E 167 0.91 22.95 -21.73
N SER E 168 0.67 24.27 -21.70
CA SER E 168 1.31 25.20 -22.60
C SER E 168 2.79 25.19 -22.39
N ASP E 169 3.27 25.32 -21.15
CA ASP E 169 4.69 25.41 -20.99
C ASP E 169 5.19 24.11 -20.45
N THR E 170 4.96 23.01 -21.20
CA THR E 170 5.45 21.74 -20.77
C THR E 170 6.87 21.67 -21.21
N ARG E 171 7.65 20.81 -20.54
CA ARG E 171 9.03 20.64 -20.86
C ARG E 171 9.12 20.14 -22.27
N PHE E 172 8.16 19.30 -22.71
CA PHE E 172 8.33 18.76 -24.03
C PHE E 172 7.16 19.15 -24.89
N GLN E 173 7.46 19.50 -26.16
CA GLN E 173 6.50 19.88 -27.16
C GLN E 173 5.97 18.63 -27.78
N LEU E 174 4.71 18.67 -28.26
CA LEU E 174 4.06 17.53 -28.83
C LEU E 174 4.08 17.63 -30.32
N LEU E 175 4.83 16.72 -30.98
CA LEU E 175 4.85 16.65 -32.41
C LEU E 175 3.55 16.09 -32.92
N ASN E 176 3.10 14.95 -32.34
CA ASN E 176 1.85 14.38 -32.77
C ASN E 176 1.44 13.29 -31.82
N ALA E 177 0.14 13.29 -31.45
CA ALA E 177 -0.35 12.29 -30.56
C ALA E 177 -1.37 11.50 -31.32
N THR E 178 -1.21 10.17 -31.33
CA THR E 178 -2.11 9.36 -32.10
C THR E 178 -2.61 8.22 -31.26
N GLN E 179 -3.87 7.80 -31.51
CA GLN E 179 -4.44 6.65 -30.85
C GLN E 179 -5.01 5.79 -31.92
N GLN E 180 -4.25 4.77 -32.36
CA GLN E 180 -4.80 3.95 -33.39
C GLN E 180 -5.24 2.67 -32.77
N VAL E 181 -6.42 2.18 -33.18
CA VAL E 181 -6.94 0.97 -32.64
C VAL E 181 -6.39 -0.16 -33.42
N ASN E 182 -6.00 -1.25 -32.73
CA ASN E 182 -5.54 -2.40 -33.44
C ASN E 182 -5.92 -3.63 -32.70
N ARG E 183 -6.00 -4.76 -33.43
CA ARG E 183 -6.33 -6.02 -32.83
C ARG E 183 -5.16 -6.90 -33.07
N LYS E 184 -4.76 -7.68 -32.05
CA LYS E 184 -3.65 -8.57 -32.30
C LYS E 184 -3.82 -9.84 -31.52
N GLN E 185 -2.89 -10.80 -31.71
CA GLN E 185 -3.08 -12.07 -31.08
C GLN E 185 -1.93 -12.41 -30.19
N TYR E 186 -2.16 -13.35 -29.26
CA TYR E 186 -1.16 -13.78 -28.33
C TYR E 186 -1.09 -15.27 -28.41
N PRO E 187 0.02 -15.83 -28.01
CA PRO E 187 0.19 -17.25 -28.07
C PRO E 187 -0.72 -18.01 -27.17
N CYS E 188 -1.21 -17.38 -26.10
CA CYS E 188 -2.05 -18.07 -25.16
C CYS E 188 -3.33 -18.45 -25.82
N CYS E 189 -3.84 -17.57 -26.68
CA CYS E 189 -5.21 -17.75 -27.03
C CYS E 189 -5.45 -17.48 -28.48
N PRO E 190 -6.37 -18.21 -29.03
CA PRO E 190 -6.77 -18.10 -30.41
C PRO E 190 -7.56 -16.86 -30.69
N GLU E 191 -8.10 -16.20 -29.66
CA GLU E 191 -8.98 -15.08 -29.85
C GLU E 191 -8.20 -13.83 -30.13
N THR E 192 -8.82 -12.88 -30.86
CA THR E 192 -8.19 -11.62 -31.12
C THR E 192 -8.39 -10.73 -29.95
N TYR E 193 -7.37 -9.91 -29.63
CA TYR E 193 -7.46 -8.99 -28.53
C TYR E 193 -7.29 -7.63 -29.10
N GLU E 194 -8.07 -6.64 -28.61
CA GLU E 194 -7.98 -5.32 -29.19
C GLU E 194 -7.38 -4.37 -28.20
N ASP E 195 -6.47 -3.50 -28.69
CA ASP E 195 -5.82 -2.52 -27.86
C ASP E 195 -5.72 -1.22 -28.62
N THR E 196 -5.53 -0.11 -27.88
CA THR E 196 -5.37 1.17 -28.50
C THR E 196 -3.93 1.55 -28.32
N THR E 197 -3.20 1.73 -29.44
CA THR E 197 -1.81 2.06 -29.30
C THR E 197 -1.67 3.54 -29.33
N LEU E 198 -1.12 4.10 -28.24
CA LEU E 198 -0.94 5.51 -28.22
C LEU E 198 0.47 5.76 -28.65
N SER E 199 0.64 6.46 -29.80
CA SER E 199 1.95 6.74 -30.28
C SER E 199 2.15 8.21 -30.14
N PHE E 200 3.15 8.60 -29.34
CA PHE E 200 3.33 10.00 -29.09
C PHE E 200 4.67 10.40 -29.62
N THR E 201 4.71 11.47 -30.42
CA THR E 201 5.96 11.95 -30.91
C THR E 201 6.17 13.28 -30.28
N PHE E 202 7.31 13.44 -29.57
CA PHE E 202 7.54 14.67 -28.87
C PHE E 202 8.99 14.99 -28.86
N ARG E 203 9.29 16.27 -28.61
CA ARG E 203 10.65 16.70 -28.48
C ARG E 203 10.64 17.82 -27.50
N LYS E 204 11.83 18.21 -26.99
CA LYS E 204 11.94 19.30 -26.06
C LYS E 204 11.82 20.57 -26.85
N PRO E 205 11.08 21.50 -26.31
CA PRO E 205 10.94 22.76 -26.97
C PRO E 205 12.10 23.63 -26.62
#